data_3PNY
#
_entry.id   3PNY
#
_cell.length_a   44.159
_cell.length_b   210.553
_cell.length_c   58.145
_cell.angle_alpha   90.00
_cell.angle_beta   99.80
_cell.angle_gamma   90.00
#
_symmetry.space_group_name_H-M   'P 1 21 1'
#
loop_
_entity.id
_entity.type
_entity.pdbx_description
1 polymer 'Glutamyl-tRNA synthetase'
2 water water
#
_entity_poly.entity_id   1
_entity_poly.type   'polypeptide(L)'
_entity_poly.pdbx_seq_one_letter_code
;HHHHHHSSGLVPRGSMTATETVRVRFCPSPTGTPHVGLVRTALFNWAYARHTGGTFVFRIEDTDAQRDSEESYLALLDAL
RWLGLDWDEGPEVGGPYGPYRQSQRAEIYRDVLARLLAAGEAYHAFSTPEEVEARHVAAGRNPKLGYDNFDRHLTDAQRA
AYLAEGRQPVVRLRMPDDDLAWNDLVRGPVTFAAGSVPDFALTRASGDPLYTLVNPCDDALMKITHVLRGEDLLPSTPRQ
LALHQALIRIGVAERIPKFAHLPTVLGEGTKKLSKRDPQSNLFAHRDRGFIPEGLLNYLALLGWSIADDHDLFGLDEMVA
AFDVADVNSSPARFDQKKADALNAEHIRMLDVGDFTVRLRDHLDTHGHHIALDEAAFAAAAELVQTRIVVLGDAWELLKF
FNDDQYVIDPKAAAKELGPDGAAVLDAALAALTSVTDWTAPLIEAALKDALIEGLALKPRKAFSPIRVAATGTTVSPPLF
ESLELLGRDRSMQRLRAARQLVGHA
;
_entity_poly.pdbx_strand_id   A,B
#
# COMPACT_ATOMS: atom_id res chain seq x y z
N GLU A 20 5.31 5.82 37.36
CA GLU A 20 4.33 5.23 38.28
C GLU A 20 4.34 5.96 39.62
N THR A 21 3.15 6.22 40.16
CA THR A 21 1.91 5.84 39.48
C THR A 21 1.33 7.03 38.71
N VAL A 22 1.51 7.00 37.38
CA VAL A 22 0.85 7.96 36.51
C VAL A 22 -0.66 7.93 36.69
N ARG A 23 -1.28 9.11 36.65
CA ARG A 23 -2.74 9.20 36.58
C ARG A 23 -3.17 10.21 35.53
N VAL A 24 -3.89 9.73 34.52
CA VAL A 24 -4.42 10.60 33.47
C VAL A 24 -5.94 10.59 33.47
N ARG A 25 -6.54 11.43 32.63
CA ARG A 25 -7.95 11.75 32.73
C ARG A 25 -8.55 12.05 31.36
N PHE A 26 -9.66 11.38 31.05
CA PHE A 26 -10.44 11.72 29.89
C PHE A 26 -11.67 12.38 30.47
N CYS A 27 -11.93 13.66 30.12
CA CYS A 27 -12.96 14.43 30.86
C CYS A 27 -13.86 15.17 29.88
N PRO A 28 -14.57 14.40 29.08
CA PRO A 28 -15.48 14.93 28.09
C PRO A 28 -16.70 15.66 28.74
N SER A 29 -17.17 16.70 28.07
CA SER A 29 -18.50 17.26 28.36
C SER A 29 -19.51 16.50 27.54
N PRO A 30 -20.57 16.01 28.17
CA PRO A 30 -21.63 15.28 27.46
C PRO A 30 -22.40 16.19 26.51
N THR A 31 -21.77 16.54 25.39
CA THR A 31 -22.46 17.22 24.30
C THR A 31 -22.12 16.59 22.95
N GLY A 32 -23.14 16.22 22.20
CA GLY A 32 -22.96 15.80 20.82
C GLY A 32 -22.41 14.40 20.71
N THR A 33 -22.28 13.91 19.48
CA THR A 33 -21.54 12.68 19.22
C THR A 33 -20.05 12.87 19.52
N PRO A 34 -19.42 11.81 20.02
CA PRO A 34 -17.95 11.72 20.01
C PRO A 34 -17.39 11.88 18.60
N HIS A 35 -16.56 12.89 18.41
CA HIS A 35 -15.79 13.03 17.17
C HIS A 35 -14.40 12.41 17.31
N VAL A 36 -13.73 12.22 16.18
CA VAL A 36 -12.54 11.38 16.14
C VAL A 36 -11.37 12.03 16.88
N GLY A 37 -11.32 13.36 16.83
CA GLY A 37 -10.36 14.12 17.61
C GLY A 37 -10.49 13.86 19.10
N LEU A 38 -11.72 13.97 19.61
CA LEU A 38 -12.00 13.65 21.00
C LEU A 38 -11.58 12.21 21.32
N VAL A 39 -11.88 11.30 20.40
CA VAL A 39 -11.62 9.88 20.62
C VAL A 39 -10.13 9.57 20.57
N ARG A 40 -9.40 10.33 19.74
CA ARG A 40 -7.90 10.23 19.71
C ARG A 40 -7.38 10.61 21.11
N THR A 41 -7.90 11.68 21.71
CA THR A 41 -7.45 12.07 23.02
C THR A 41 -7.70 11.00 24.04
N ALA A 42 -8.89 10.40 24.04
CA ALA A 42 -9.16 9.27 24.94
C ALA A 42 -8.13 8.14 24.78
N LEU A 43 -7.83 7.78 23.54
CA LEU A 43 -6.90 6.69 23.26
C LEU A 43 -5.49 7.04 23.73
N PHE A 44 -5.08 8.28 23.49
CA PHE A 44 -3.75 8.72 23.87
C PHE A 44 -3.53 8.62 25.38
N ASN A 45 -4.52 9.07 26.14
CA ASN A 45 -4.50 8.93 27.59
C ASN A 45 -4.51 7.46 28.03
N TRP A 46 -5.36 6.67 27.37
CA TRP A 46 -5.51 5.27 27.73
C TRP A 46 -4.17 4.53 27.54
N ALA A 47 -3.62 4.79 26.38
CA ALA A 47 -2.38 4.08 26.06
C ALA A 47 -1.25 4.50 27.01
N TYR A 48 -1.14 5.78 27.31
CA TYR A 48 -0.11 6.31 28.23
C TYR A 48 -0.31 5.70 29.61
N ALA A 49 -1.56 5.62 30.14
CA ALA A 49 -1.72 4.90 31.40
C ALA A 49 -1.26 3.47 31.31
N ARG A 50 -1.79 2.72 30.35
CA ARG A 50 -1.50 1.30 30.23
C ARG A 50 -0.01 1.05 30.04
N HIS A 51 0.67 2.01 29.44
CA HIS A 51 2.10 1.89 29.16
C HIS A 51 2.93 2.09 30.42
N THR A 52 2.46 2.97 31.29
CA THR A 52 3.20 3.34 32.50
C THR A 52 2.74 2.49 33.69
N GLY A 53 1.75 1.64 33.46
CA GLY A 53 1.10 0.91 34.54
C GLY A 53 0.27 1.80 35.43
N GLY A 54 -0.10 2.97 34.91
CA GLY A 54 -0.83 3.97 35.68
C GLY A 54 -2.33 3.82 35.55
N THR A 55 -3.05 4.89 35.87
CA THR A 55 -4.49 4.82 36.03
C THR A 55 -5.22 5.73 35.05
N PHE A 56 -6.27 5.21 34.42
CA PHE A 56 -7.06 6.00 33.49
C PHE A 56 -8.38 6.44 34.10
N VAL A 57 -8.51 7.73 34.36
CA VAL A 57 -9.67 8.27 35.07
C VAL A 57 -10.69 8.83 34.08
N PHE A 58 -11.95 8.45 34.27
CA PHE A 58 -13.02 8.87 33.37
C PHE A 58 -13.98 9.83 34.07
N ARG A 59 -13.79 11.13 33.84
CA ARG A 59 -14.57 12.14 34.53
C ARG A 59 -15.58 12.79 33.61
N ILE A 60 -16.81 12.93 34.08
CA ILE A 60 -17.89 13.52 33.29
C ILE A 60 -18.07 14.99 33.62
N GLU A 61 -17.90 15.84 32.62
CA GLU A 61 -17.97 17.33 32.81
C GLU A 61 -19.35 17.87 32.45
N ASP A 62 -20.30 17.64 33.39
CA ASP A 62 -21.71 17.82 33.09
C ASP A 62 -22.34 18.82 34.06
N THR A 63 -21.61 19.86 34.39
CA THR A 63 -22.18 21.06 35.03
C THR A 63 -22.97 21.98 34.09
N ASP A 64 -22.98 21.70 32.81
CA ASP A 64 -23.70 22.53 31.85
C ASP A 64 -24.65 21.61 31.12
N ALA A 65 -25.85 21.33 31.60
CA ALA A 65 -26.65 20.31 30.91
C ALA A 65 -27.32 20.93 29.71
N GLN A 66 -27.37 20.20 28.60
CA GLN A 66 -28.31 20.51 27.49
C GLN A 66 -29.26 19.34 27.17
N ARG A 67 -30.27 19.58 26.34
CA ARG A 67 -31.24 18.55 26.01
C ARG A 67 -30.58 17.19 25.75
N ASP A 68 -29.44 17.21 25.07
CA ASP A 68 -28.82 16.01 24.50
C ASP A 68 -27.87 15.26 25.43
N SER A 69 -27.87 15.62 26.70
CA SER A 69 -26.73 15.34 27.52
C SER A 69 -26.72 13.86 27.95
N GLU A 70 -27.88 13.30 28.28
CA GLU A 70 -27.97 11.85 28.50
C GLU A 70 -27.63 11.06 27.24
N GLU A 71 -28.25 11.42 26.12
CA GLU A 71 -27.93 10.81 24.84
C GLU A 71 -26.43 10.82 24.60
N SER A 72 -25.80 11.95 24.89
CA SER A 72 -24.38 12.14 24.58
C SER A 72 -23.52 11.33 25.55
N TYR A 73 -23.91 11.32 26.82
CA TYR A 73 -23.29 10.47 27.82
C TYR A 73 -23.23 9.02 27.36
N LEU A 74 -24.38 8.49 26.99
CA LEU A 74 -24.47 7.09 26.57
C LEU A 74 -23.60 6.83 25.35
N ALA A 75 -23.57 7.80 24.45
CA ALA A 75 -22.72 7.72 23.26
C ALA A 75 -21.25 7.64 23.63
N LEU A 76 -20.85 8.35 24.68
CA LEU A 76 -19.45 8.38 25.11
C LEU A 76 -19.00 7.07 25.71
N LEU A 77 -19.81 6.49 26.59
CA LEU A 77 -19.50 5.19 27.16
C LEU A 77 -19.54 4.09 26.10
N ASP A 78 -20.50 4.16 25.18
CA ASP A 78 -20.58 3.22 24.07
C ASP A 78 -19.31 3.25 23.22
N ALA A 79 -18.82 4.46 22.94
CA ALA A 79 -17.62 4.63 22.11
C ALA A 79 -16.41 3.96 22.77
N LEU A 80 -16.20 4.26 24.04
CA LEU A 80 -15.08 3.67 24.78
C LEU A 80 -15.20 2.15 24.78
N ARG A 81 -16.39 1.66 25.11
N ARG A 81 -16.31 1.61 25.30
CA ARG A 81 -16.80 0.24 25.12
CA ARG A 81 -16.45 0.18 25.26
C ARG A 81 -16.75 -0.57 23.82
C ARG A 81 -16.20 -0.45 23.84
N TRP A 82 -16.71 0.14 22.72
CA TRP A 82 -16.61 -0.45 21.38
C TRP A 82 -15.16 -0.55 21.01
N LEU A 83 -14.40 0.47 21.36
CA LEU A 83 -12.96 0.52 20.95
C LEU A 83 -12.13 -0.23 21.96
N GLY A 84 -12.70 -0.66 23.08
CA GLY A 84 -11.97 -1.51 24.07
C GLY A 84 -11.11 -0.80 25.11
N LEU A 85 -11.38 0.50 25.27
CA LEU A 85 -10.70 1.37 26.18
C LEU A 85 -11.41 1.44 27.52
N ASP A 86 -11.21 0.43 28.36
CA ASP A 86 -11.83 0.42 29.70
C ASP A 86 -11.30 1.53 30.58
N TRP A 87 -12.07 1.92 31.59
CA TRP A 87 -11.54 2.92 32.54
C TRP A 87 -11.34 2.34 33.93
N ASP A 88 -10.34 2.83 34.71
CA ASP A 88 -10.04 2.28 35.99
C ASP A 88 -10.85 2.96 37.10
N GLU A 89 -11.17 4.24 36.87
CA GLU A 89 -12.01 5.08 37.75
C GLU A 89 -12.99 5.91 36.94
N GLY A 90 -14.20 6.10 37.50
CA GLY A 90 -15.25 6.77 36.79
C GLY A 90 -16.60 6.09 36.97
N PRO A 91 -17.40 6.09 35.91
CA PRO A 91 -18.84 5.79 36.03
C PRO A 91 -19.09 4.31 36.26
N GLU A 92 -20.16 4.00 36.99
CA GLU A 92 -20.40 2.63 37.43
C GLU A 92 -19.29 2.00 38.27
N VAL A 93 -18.05 2.22 37.86
CA VAL A 93 -16.93 1.44 38.39
C VAL A 93 -16.44 2.14 39.65
N GLY A 94 -16.69 3.45 39.74
CA GLY A 94 -16.33 4.22 40.92
C GLY A 94 -14.84 4.45 41.11
N GLY A 95 -14.41 4.59 42.37
CA GLY A 95 -13.01 4.80 42.71
C GLY A 95 -12.81 5.69 43.94
N PRO A 96 -11.59 5.92 44.37
CA PRO A 96 -11.40 6.54 45.67
C PRO A 96 -11.56 8.04 45.63
N TYR A 97 -11.48 8.64 44.45
CA TYR A 97 -11.58 10.12 44.40
C TYR A 97 -12.91 10.58 43.80
N GLY A 98 -13.96 9.81 44.07
CA GLY A 98 -15.29 10.15 43.60
C GLY A 98 -15.91 11.29 44.37
N PRO A 99 -16.95 11.89 43.81
CA PRO A 99 -17.64 11.30 42.66
C PRO A 99 -16.99 11.71 41.34
N TYR A 100 -17.46 11.12 40.23
CA TYR A 100 -16.78 11.26 38.95
C TYR A 100 -17.71 11.87 37.90
N ARG A 101 -18.90 12.26 38.34
CA ARG A 101 -19.67 13.29 37.65
C ARG A 101 -19.55 14.63 38.37
N GLN A 102 -19.28 15.69 37.60
CA GLN A 102 -19.06 17.00 38.18
C GLN A 102 -20.37 17.62 38.67
N SER A 103 -21.48 17.19 38.07
CA SER A 103 -22.79 17.58 38.55
C SER A 103 -23.03 17.13 39.98
N GLN A 104 -22.27 16.15 40.55
N GLN A 104 -22.27 16.15 40.53
CA GLN A 104 -22.36 15.54 41.88
CA GLN A 104 -22.41 15.59 41.85
C GLN A 104 -21.39 16.17 42.91
C GLN A 104 -21.30 16.06 42.83
N ARG A 105 -20.68 17.36 42.45
CA ARG A 105 -19.49 17.69 43.20
C ARG A 105 -19.57 19.12 43.75
N ALA A 106 -20.79 19.61 43.91
CA ALA A 106 -21.01 21.04 44.14
C ALA A 106 -20.55 21.46 45.53
N GLU A 107 -20.84 20.62 46.51
CA GLU A 107 -20.27 20.77 47.85
C GLU A 107 -18.75 20.95 47.78
N ILE A 108 -18.09 20.10 47.01
CA ILE A 108 -16.61 20.13 46.89
C ILE A 108 -16.25 21.51 46.37
N TYR A 109 -16.83 21.92 45.24
CA TYR A 109 -16.48 23.23 44.57
C TYR A 109 -16.78 24.40 45.53
N ARG A 110 -17.95 24.36 46.20
CA ARG A 110 -18.20 25.44 47.17
C ARG A 110 -17.10 25.44 48.26
N ASP A 111 -16.63 24.28 48.75
CA ASP A 111 -15.66 24.35 49.88
C ASP A 111 -14.28 24.79 49.40
N VAL A 112 -13.89 24.32 48.22
CA VAL A 112 -12.60 24.80 47.62
C VAL A 112 -12.63 26.33 47.40
N LEU A 113 -13.73 26.87 46.89
CA LEU A 113 -13.91 28.31 46.72
C LEU A 113 -13.83 29.00 48.08
N ALA A 114 -14.55 28.47 49.08
CA ALA A 114 -14.48 29.08 50.44
C ALA A 114 -13.02 29.14 50.92
N ARG A 115 -12.27 28.07 50.68
CA ARG A 115 -10.92 27.97 51.19
C ARG A 115 -10.01 28.97 50.47
N LEU A 116 -10.11 29.00 49.15
CA LEU A 116 -9.39 30.01 48.37
C LEU A 116 -9.63 31.46 48.84
N LEU A 117 -10.90 31.79 49.08
CA LEU A 117 -11.28 33.12 49.53
C LEU A 117 -10.68 33.38 50.90
N ALA A 118 -10.86 32.43 51.81
CA ALA A 118 -10.38 32.58 53.18
C ALA A 118 -8.87 32.81 53.21
N ALA A 119 -8.17 32.24 52.23
CA ALA A 119 -6.71 32.25 52.22
C ALA A 119 -6.18 33.48 51.48
N GLY A 120 -7.09 34.25 50.88
CA GLY A 120 -6.72 35.43 50.13
C GLY A 120 -6.21 35.11 48.74
N GLU A 121 -6.34 33.84 48.35
CA GLU A 121 -5.93 33.41 47.02
C GLU A 121 -6.92 33.90 45.96
N ALA A 122 -8.17 34.05 46.36
CA ALA A 122 -9.23 34.57 45.43
C ALA A 122 -9.94 35.72 46.09
N TYR A 123 -10.74 36.48 45.32
CA TYR A 123 -11.45 37.60 45.92
C TYR A 123 -12.74 37.82 45.18
N HIS A 124 -13.67 38.48 45.86
CA HIS A 124 -14.90 38.77 45.24
C HIS A 124 -14.74 40.03 44.42
N ALA A 125 -15.21 39.96 43.20
CA ALA A 125 -15.05 41.09 42.28
C ALA A 125 -16.38 41.55 41.79
N PHE A 126 -16.54 42.87 41.70
CA PHE A 126 -17.85 43.52 41.53
C PHE A 126 -17.88 44.45 40.30
N SER A 127 -16.74 44.67 39.64
CA SER A 127 -16.68 45.58 38.45
C SER A 127 -17.68 45.17 37.37
N THR A 128 -18.33 46.16 36.75
CA THR A 128 -19.06 45.92 35.53
C THR A 128 -18.09 46.10 34.33
N PRO A 129 -18.43 45.47 33.17
CA PRO A 129 -17.61 45.71 31.96
C PRO A 129 -17.41 47.21 31.65
N GLU A 130 -18.47 47.98 31.83
CA GLU A 130 -18.41 49.42 31.56
C GLU A 130 -17.41 50.11 32.47
N GLU A 131 -17.32 49.66 33.72
CA GLU A 131 -16.43 50.28 34.70
C GLU A 131 -14.97 49.96 34.40
N VAL A 132 -14.72 48.73 33.96
CA VAL A 132 -13.39 48.37 33.46
C VAL A 132 -13.04 49.16 32.20
N GLU A 133 -13.97 49.20 31.25
CA GLU A 133 -13.82 50.06 30.08
C GLU A 133 -13.36 51.46 30.47
N ALA A 134 -14.06 52.08 31.41
CA ALA A 134 -13.84 53.48 31.74
C ALA A 134 -12.44 53.69 32.31
N ARG A 135 -12.00 52.76 33.14
CA ARG A 135 -10.69 52.84 33.77
C ARG A 135 -9.58 52.76 32.72
N HIS A 136 -9.73 51.83 31.78
CA HIS A 136 -8.86 51.78 30.62
C HIS A 136 -8.80 53.12 29.91
N VAL A 137 -9.97 53.71 29.66
CA VAL A 137 -10.06 54.98 28.90
C VAL A 137 -9.33 56.02 29.75
N ALA A 138 -9.52 56.07 31.07
CA ALA A 138 -8.91 57.12 31.89
C ALA A 138 -7.39 56.96 31.87
N ALA A 139 -6.96 55.72 31.65
CA ALA A 139 -5.54 55.39 31.60
C ALA A 139 -4.92 55.68 30.28
N GLY A 140 -5.69 56.01 29.25
CA GLY A 140 -5.12 56.01 27.88
C GLY A 140 -4.86 54.64 27.26
N ARG A 141 -5.31 53.60 27.95
CA ARG A 141 -5.18 52.25 27.39
C ARG A 141 -6.37 51.85 26.53
N ASN A 142 -6.16 50.87 25.67
CA ASN A 142 -7.25 50.35 24.91
C ASN A 142 -8.18 49.40 25.70
N PRO A 143 -9.48 49.76 25.75
CA PRO A 143 -10.42 48.97 26.53
C PRO A 143 -10.57 47.49 26.13
N LYS A 144 -9.99 47.10 25.00
CA LYS A 144 -9.98 45.70 24.59
C LYS A 144 -9.26 44.83 25.60
N LEU A 145 -8.35 45.42 26.34
CA LEU A 145 -7.66 44.69 27.35
C LEU A 145 -8.73 44.13 28.30
N GLY A 146 -8.47 43.06 29.00
CA GLY A 146 -9.55 42.60 29.85
C GLY A 146 -9.79 43.35 31.14
N TYR A 147 -10.31 42.58 32.06
CA TYR A 147 -10.25 42.84 33.48
C TYR A 147 -8.89 43.37 33.91
N ASP A 148 -8.89 44.32 34.84
CA ASP A 148 -7.69 45.07 35.17
C ASP A 148 -7.30 44.88 36.62
N ASN A 149 -7.85 43.84 37.24
CA ASN A 149 -7.47 43.46 38.60
C ASN A 149 -7.89 44.51 39.63
N PHE A 150 -8.78 45.40 39.23
CA PHE A 150 -9.19 46.52 40.07
C PHE A 150 -9.61 46.04 41.45
N ASP A 151 -10.35 44.94 41.49
CA ASP A 151 -11.11 44.57 42.68
C ASP A 151 -10.22 43.93 43.73
N ARG A 152 -8.94 43.81 43.42
CA ARG A 152 -7.96 43.30 44.37
C ARG A 152 -7.88 44.28 45.54
N HIS A 153 -8.07 45.58 45.26
CA HIS A 153 -7.84 46.62 46.28
C HIS A 153 -9.11 47.19 46.96
N LEU A 154 -10.20 46.48 46.80
CA LEU A 154 -11.45 46.94 47.46
C LEU A 154 -11.35 46.97 48.98
N THR A 155 -11.91 48.04 49.55
CA THR A 155 -12.08 48.20 50.99
C THR A 155 -13.34 47.47 51.43
N ASP A 156 -13.38 47.13 52.70
CA ASP A 156 -14.56 46.44 53.26
C ASP A 156 -15.80 47.31 53.12
N ALA A 157 -15.64 48.63 53.32
CA ALA A 157 -16.72 49.60 53.03
C ALA A 157 -17.27 49.44 51.58
N GLN A 158 -16.35 49.42 50.62
CA GLN A 158 -16.72 49.38 49.21
C GLN A 158 -17.41 48.07 48.86
N ARG A 159 -16.97 46.98 49.49
CA ARG A 159 -17.53 45.66 49.23
C ARG A 159 -18.92 45.51 49.85
N ALA A 160 -19.12 46.12 51.00
CA ALA A 160 -20.41 46.11 51.67
C ALA A 160 -21.41 47.02 50.95
N ALA A 161 -20.91 48.15 50.43
CA ALA A 161 -21.74 49.08 49.68
C ALA A 161 -22.28 48.42 48.41
N TYR A 162 -21.42 47.64 47.74
CA TYR A 162 -21.83 46.89 46.56
C TYR A 162 -22.98 45.94 46.89
N LEU A 163 -22.83 45.19 47.97
CA LEU A 163 -23.81 44.17 48.33
C LEU A 163 -25.14 44.80 48.72
N ALA A 164 -25.09 46.00 49.28
CA ALA A 164 -26.30 46.74 49.63
C ALA A 164 -27.13 47.06 48.40
N GLU A 165 -26.45 47.39 47.30
CA GLU A 165 -27.13 47.71 46.05
C GLU A 165 -27.58 46.44 45.33
N GLY A 166 -27.03 45.31 45.74
CA GLY A 166 -27.48 44.02 45.23
C GLY A 166 -26.62 43.53 44.07
N ARG A 167 -25.44 44.14 43.93
CA ARG A 167 -24.37 43.54 43.13
C ARG A 167 -24.06 42.13 43.61
N GLN A 168 -24.13 41.17 42.69
CA GLN A 168 -23.62 39.83 42.94
C GLN A 168 -22.24 39.64 42.29
N PRO A 169 -21.22 39.49 43.12
CA PRO A 169 -19.84 39.42 42.65
C PRO A 169 -19.56 38.10 41.94
N VAL A 170 -18.53 38.10 41.09
CA VAL A 170 -17.84 36.86 40.74
C VAL A 170 -16.57 36.67 41.59
N VAL A 171 -16.16 35.42 41.77
CA VAL A 171 -14.88 35.12 42.39
C VAL A 171 -13.77 35.03 41.35
N ARG A 172 -12.72 35.82 41.53
CA ARG A 172 -11.55 35.76 40.68
C ARG A 172 -10.33 35.24 41.44
N LEU A 173 -9.47 34.49 40.75
CA LEU A 173 -8.18 34.09 41.31
C LEU A 173 -7.14 35.19 41.14
N ARG A 174 -6.37 35.43 42.19
CA ARG A 174 -5.27 36.40 42.14
C ARG A 174 -4.08 35.75 41.44
N MET A 175 -3.75 36.21 40.24
CA MET A 175 -2.60 35.66 39.47
C MET A 175 -1.30 36.12 40.18
N PRO A 176 -0.26 35.24 40.12
CA PRO A 176 1.10 35.70 40.48
C PRO A 176 1.48 36.85 39.54
N ASP A 177 2.28 37.80 39.99
CA ASP A 177 2.66 38.93 39.07
C ASP A 177 3.98 38.69 38.29
N ASP A 178 4.44 37.45 38.20
CA ASP A 178 5.75 37.15 37.56
C ASP A 178 5.61 36.28 36.28
N ASP A 179 6.72 35.84 35.68
CA ASP A 179 6.55 35.17 34.38
C ASP A 179 5.76 33.83 34.53
N LEU A 180 5.03 33.39 33.50
CA LEU A 180 4.18 32.19 33.62
C LEU A 180 4.38 31.08 32.59
N ALA A 181 5.10 30.04 33.01
CA ALA A 181 5.58 29.12 31.96
C ALA A 181 5.35 27.67 32.39
N TRP A 182 5.47 26.74 31.42
CA TRP A 182 5.54 25.29 31.76
C TRP A 182 6.23 24.55 30.65
N ASN A 183 6.77 23.38 30.96
CA ASN A 183 7.44 22.61 29.87
C ASN A 183 6.45 21.57 29.34
N ASP A 184 5.79 21.97 28.29
CA ASP A 184 4.79 21.10 27.63
C ASP A 184 5.43 19.81 27.13
N LEU A 185 4.76 18.68 27.33
CA LEU A 185 5.31 17.39 26.98
C LEU A 185 5.34 17.20 25.46
N VAL A 186 4.49 17.95 24.76
CA VAL A 186 4.49 17.92 23.30
C VAL A 186 5.20 19.15 22.73
N ARG A 187 4.90 20.31 23.27
CA ARG A 187 5.27 21.58 22.64
C ARG A 187 6.67 22.00 23.04
N GLY A 188 7.11 21.56 24.21
CA GLY A 188 8.26 22.14 24.87
C GLY A 188 7.88 23.30 25.79
N PRO A 189 8.89 24.04 26.24
CA PRO A 189 8.66 25.21 27.10
C PRO A 189 7.73 26.22 26.43
N VAL A 190 6.64 26.57 27.12
CA VAL A 190 5.77 27.65 26.68
C VAL A 190 5.75 28.79 27.69
N THR A 191 5.65 30.07 27.37
N THR A 191 5.77 30.08 27.43
CA THR A 191 5.88 31.21 28.25
CA THR A 191 5.95 31.15 28.43
C THR A 191 4.77 32.23 28.03
C THR A 191 4.97 32.29 28.10
N PHE A 192 4.22 32.72 29.09
CA PHE A 192 3.36 33.89 29.14
C PHE A 192 4.00 35.01 29.96
N ALA A 193 4.14 36.18 29.34
CA ALA A 193 4.89 37.28 29.94
C ALA A 193 4.27 37.72 31.27
N ALA A 194 5.11 38.12 32.20
CA ALA A 194 4.65 38.67 33.48
C ALA A 194 3.47 39.62 33.25
N GLY A 195 2.41 39.43 34.05
CA GLY A 195 1.35 40.41 34.16
C GLY A 195 0.38 40.34 33.00
N SER A 196 0.56 39.36 32.13
CA SER A 196 -0.09 39.34 30.83
C SER A 196 -1.43 38.62 30.89
N VAL A 197 -1.70 37.97 32.03
CA VAL A 197 -2.93 37.21 32.21
C VAL A 197 -3.73 37.75 33.40
N PRO A 198 -4.88 38.35 33.11
CA PRO A 198 -5.70 38.97 34.15
C PRO A 198 -6.18 37.94 35.18
N ASP A 199 -6.29 38.35 36.44
CA ASP A 199 -7.12 37.64 37.40
C ASP A 199 -8.43 37.17 36.78
N PHE A 200 -8.64 35.87 36.78
CA PHE A 200 -9.69 35.26 35.97
C PHE A 200 -10.82 34.72 36.85
N ALA A 201 -12.03 34.74 36.32
CA ALA A 201 -13.22 34.43 37.10
C ALA A 201 -13.34 32.92 37.35
N LEU A 202 -13.70 32.55 38.57
CA LEU A 202 -13.91 31.16 38.92
C LEU A 202 -15.39 30.81 38.97
N THR A 203 -16.23 31.85 39.05
CA THR A 203 -17.67 31.64 39.17
C THR A 203 -18.43 32.58 38.24
N ARG A 204 -19.72 32.30 38.05
CA ARG A 204 -20.60 33.23 37.41
C ARG A 204 -21.28 33.99 38.53
N ALA A 205 -21.98 35.07 38.19
CA ALA A 205 -22.64 35.86 39.24
C ALA A 205 -23.65 35.16 40.11
N SER A 206 -24.32 34.15 39.53
CA SER A 206 -25.17 33.27 40.34
C SER A 206 -24.37 32.49 41.42
N GLY A 207 -23.04 32.49 41.35
CA GLY A 207 -22.22 31.75 42.27
C GLY A 207 -21.74 30.42 41.76
N ASP A 208 -22.31 29.97 40.64
CA ASP A 208 -22.00 28.63 40.20
C ASP A 208 -20.59 28.64 39.66
N PRO A 209 -19.84 27.57 39.89
CA PRO A 209 -18.43 27.50 39.48
C PRO A 209 -18.29 27.44 37.95
N LEU A 210 -17.08 27.67 37.46
CA LEU A 210 -16.83 27.65 36.02
C LEU A 210 -15.86 26.54 35.65
N TYR A 211 -15.77 26.24 34.36
CA TYR A 211 -14.72 25.38 33.83
C TYR A 211 -13.37 25.72 34.46
N THR A 212 -13.16 27.00 34.73
CA THR A 212 -11.85 27.48 35.18
C THR A 212 -11.55 27.00 36.60
N LEU A 213 -12.60 26.68 37.34
CA LEU A 213 -12.45 26.16 38.70
C LEU A 213 -12.50 24.64 38.72
N VAL A 214 -13.58 24.08 38.18
CA VAL A 214 -13.92 22.68 38.42
C VAL A 214 -12.94 21.76 37.69
N ASN A 215 -12.34 22.14 36.54
N ASN A 215 -12.30 22.10 36.55
CA ASN A 215 -11.42 21.33 35.76
CA ASN A 215 -11.35 21.21 35.90
C ASN A 215 -10.10 21.16 36.52
C ASN A 215 -10.08 21.14 36.71
N PRO A 216 -9.36 22.27 36.99
CA PRO A 216 -8.16 22.14 37.82
C PRO A 216 -8.48 21.60 39.21
N CYS A 217 -9.62 22.02 39.76
CA CYS A 217 -10.06 21.53 41.06
C CYS A 217 -10.06 20.00 41.11
N ASP A 218 -10.53 19.38 40.04
CA ASP A 218 -10.81 17.94 40.04
C ASP A 218 -9.59 17.14 39.62
N ASP A 219 -8.79 17.72 38.72
CA ASP A 219 -7.44 17.23 38.48
C ASP A 219 -6.62 17.19 39.77
N ALA A 220 -6.68 18.27 40.53
CA ALA A 220 -5.98 18.36 41.80
C ALA A 220 -6.45 17.27 42.76
N LEU A 221 -7.76 17.20 42.98
CA LEU A 221 -8.33 16.32 43.99
C LEU A 221 -8.24 14.86 43.56
N MET A 222 -8.26 14.63 42.26
CA MET A 222 -8.15 13.28 41.72
C MET A 222 -6.70 12.91 41.42
N LYS A 223 -5.78 13.77 41.83
CA LYS A 223 -4.36 13.44 41.82
C LYS A 223 -3.89 13.11 40.41
N ILE A 224 -4.36 13.87 39.43
CA ILE A 224 -3.97 13.67 38.03
C ILE A 224 -2.46 14.11 37.99
N THR A 225 -1.61 13.32 37.35
CA THR A 225 -0.15 13.67 37.27
C THR A 225 0.16 14.22 35.90
N HIS A 226 -0.67 13.85 34.87
CA HIS A 226 -0.38 14.25 33.46
C HIS A 226 -1.66 14.56 32.77
N VAL A 227 -1.81 15.79 32.24
CA VAL A 227 -2.99 16.27 31.55
C VAL A 227 -2.65 16.28 30.04
N LEU A 228 -3.28 15.36 29.32
CA LEU A 228 -3.14 15.29 27.88
C LEU A 228 -4.45 15.68 27.18
N ARG A 229 -4.42 16.78 26.44
CA ARG A 229 -5.63 17.37 25.89
C ARG A 229 -5.34 18.12 24.59
N GLY A 230 -6.39 18.34 23.80
CA GLY A 230 -6.25 19.08 22.56
C GLY A 230 -5.59 20.43 22.76
N GLU A 231 -4.73 20.81 21.83
CA GLU A 231 -3.98 22.05 21.93
C GLU A 231 -4.89 23.27 21.79
N ASP A 232 -6.08 23.08 21.26
CA ASP A 232 -7.08 24.13 21.41
C ASP A 232 -7.26 24.66 22.88
N LEU A 233 -6.92 23.88 23.91
CA LEU A 233 -7.07 24.37 25.26
C LEU A 233 -5.78 25.01 25.83
N LEU A 234 -4.76 25.06 25.04
CA LEU A 234 -3.46 25.51 25.56
C LEU A 234 -3.50 26.86 26.24
N PRO A 235 -4.32 27.84 25.74
CA PRO A 235 -4.39 29.15 26.47
C PRO A 235 -4.89 29.13 27.89
N SER A 236 -5.56 28.06 28.26
CA SER A 236 -6.05 27.94 29.64
C SER A 236 -4.92 27.58 30.58
N THR A 237 -3.77 27.11 30.04
CA THR A 237 -2.83 26.44 30.93
C THR A 237 -2.22 27.36 31.99
N PRO A 238 -1.82 28.58 31.63
CA PRO A 238 -1.27 29.46 32.68
C PRO A 238 -2.24 29.75 33.82
N ARG A 239 -3.49 29.85 33.47
CA ARG A 239 -4.55 30.04 34.47
C ARG A 239 -4.63 28.84 35.36
N GLN A 240 -4.62 27.63 34.74
CA GLN A 240 -4.74 26.40 35.53
C GLN A 240 -3.56 26.21 36.39
N LEU A 241 -2.35 26.48 35.85
CA LEU A 241 -1.16 26.35 36.69
C LEU A 241 -1.25 27.28 37.93
N ALA A 242 -1.67 28.53 37.73
CA ALA A 242 -1.87 29.40 38.85
C ALA A 242 -2.86 28.81 39.92
N LEU A 243 -3.94 28.19 39.45
CA LEU A 243 -4.92 27.63 40.40
C LEU A 243 -4.27 26.39 41.08
N HIS A 244 -3.65 25.53 40.29
CA HIS A 244 -2.97 24.36 40.83
C HIS A 244 -1.97 24.76 41.92
N GLN A 245 -1.27 25.85 41.69
CA GLN A 245 -0.31 26.37 42.66
C GLN A 245 -1.01 26.89 43.91
N ALA A 246 -2.14 27.56 43.71
CA ALA A 246 -2.95 28.06 44.82
C ALA A 246 -3.49 26.91 45.66
N LEU A 247 -3.84 25.81 45.01
CA LEU A 247 -4.46 24.69 45.68
C LEU A 247 -3.47 23.94 46.56
N ILE A 248 -2.22 23.89 46.12
CA ILE A 248 -1.13 23.42 46.97
C ILE A 248 -0.99 24.28 48.23
N ARG A 249 -1.11 25.59 48.05
CA ARG A 249 -0.90 26.52 49.16
C ARG A 249 -1.93 26.31 50.27
N ILE A 250 -3.18 26.07 49.87
CA ILE A 250 -4.27 25.92 50.81
C ILE A 250 -4.42 24.47 51.27
N GLY A 251 -3.58 23.60 50.72
CA GLY A 251 -3.33 22.31 51.32
C GLY A 251 -4.20 21.21 50.73
N VAL A 252 -4.79 21.49 49.56
CA VAL A 252 -5.77 20.60 48.97
C VAL A 252 -5.18 19.80 47.82
N ALA A 253 -3.93 20.11 47.47
CA ALA A 253 -3.08 19.20 46.73
C ALA A 253 -1.62 19.38 47.11
N GLU A 254 -0.75 18.58 46.49
CA GLU A 254 0.65 18.52 46.89
C GLU A 254 1.58 18.58 45.67
N ARG A 255 1.01 18.28 44.50
CA ARG A 255 1.79 18.28 43.26
C ARG A 255 1.08 19.07 42.17
N ILE A 256 1.86 19.66 41.27
CA ILE A 256 1.34 20.16 40.00
C ILE A 256 1.46 19.10 38.91
N PRO A 257 0.41 18.95 38.13
CA PRO A 257 0.44 18.07 36.96
C PRO A 257 1.38 18.59 35.87
N LYS A 258 1.97 17.68 35.10
CA LYS A 258 2.52 18.03 33.80
C LYS A 258 1.42 18.14 32.74
N PHE A 259 1.67 18.96 31.73
CA PHE A 259 0.70 19.16 30.65
C PHE A 259 1.25 18.70 29.32
N ALA A 260 0.39 18.14 28.48
CA ALA A 260 0.77 17.74 27.13
C ALA A 260 -0.35 18.05 26.13
N HIS A 261 -0.06 18.90 25.16
CA HIS A 261 -1.09 19.49 24.32
C HIS A 261 -1.06 18.89 22.92
N LEU A 262 -2.09 18.11 22.59
CA LEU A 262 -2.09 17.32 21.38
C LEU A 262 -2.40 18.19 20.15
N PRO A 263 -1.71 17.89 19.05
CA PRO A 263 -2.04 18.50 17.76
C PRO A 263 -3.51 18.32 17.39
N THR A 264 -4.22 19.41 17.14
CA THR A 264 -5.61 19.36 16.75
C THR A 264 -5.78 18.61 15.43
N VAL A 265 -6.74 17.67 15.40
CA VAL A 265 -7.07 16.95 14.19
C VAL A 265 -7.89 17.75 13.19
N LEU A 266 -7.30 17.97 12.03
CA LEU A 266 -7.93 18.66 10.94
C LEU A 266 -8.56 17.74 9.90
N GLY A 267 -9.53 18.29 9.20
CA GLY A 267 -10.05 17.68 7.99
C GLY A 267 -9.28 18.15 6.78
N GLU A 268 -9.87 18.01 5.62
CA GLU A 268 -9.15 18.06 4.37
C GLU A 268 -8.72 19.49 4.16
N GLY A 269 -9.58 20.41 4.54
CA GLY A 269 -9.18 21.80 4.71
C GLY A 269 -8.20 21.99 5.85
N THR A 270 -7.78 23.23 6.07
CA THR A 270 -7.02 23.59 7.26
C THR A 270 -7.88 23.78 8.51
N LYS A 271 -9.17 23.47 8.39
CA LYS A 271 -10.13 23.76 9.44
C LYS A 271 -10.30 22.74 10.57
N LYS A 272 -10.46 23.24 11.79
CA LYS A 272 -10.90 22.41 12.90
C LYS A 272 -11.84 21.36 12.30
N LEU A 273 -11.49 20.09 12.47
CA LEU A 273 -12.28 19.00 11.92
C LEU A 273 -13.65 19.47 12.37
N SER A 274 -14.56 19.67 11.42
CA SER A 274 -15.83 20.26 11.76
C SER A 274 -16.72 19.27 12.52
N LYS A 275 -17.78 19.79 13.14
CA LYS A 275 -18.66 18.96 13.96
C LYS A 275 -19.64 18.19 13.09
N ARG A 276 -19.60 18.42 11.79
CA ARG A 276 -20.66 17.98 10.89
C ARG A 276 -20.13 17.00 9.85
N ASP A 277 -19.01 17.37 9.21
CA ASP A 277 -18.41 16.52 8.20
C ASP A 277 -18.20 15.10 8.71
N PRO A 278 -18.91 14.15 8.11
CA PRO A 278 -19.15 12.85 8.74
C PRO A 278 -17.86 12.12 9.06
N GLN A 279 -16.77 12.51 8.41
CA GLN A 279 -15.48 11.89 8.64
C GLN A 279 -14.88 12.34 9.96
N SER A 280 -15.63 13.14 10.71
CA SER A 280 -15.23 13.54 12.05
C SER A 280 -15.98 12.74 13.10
N ASN A 281 -17.02 12.03 12.67
CA ASN A 281 -17.94 11.37 13.59
C ASN A 281 -17.70 9.87 13.69
N LEU A 282 -17.36 9.40 14.88
CA LEU A 282 -16.98 7.98 15.09
C LEU A 282 -18.07 6.97 14.71
N PHE A 283 -19.33 7.37 14.91
CA PHE A 283 -20.36 6.40 14.57
CA PHE A 283 -20.56 6.57 14.53
C PHE A 283 -20.50 6.17 13.06
N ALA A 284 -20.11 7.15 12.24
CA ALA A 284 -20.15 6.97 10.80
C ALA A 284 -19.23 5.84 10.39
N HIS A 285 -18.05 5.86 11.02
CA HIS A 285 -17.03 4.89 10.70
C HIS A 285 -17.53 3.52 11.12
N ARG A 286 -18.05 3.44 12.33
CA ARG A 286 -18.55 2.19 12.87
C ARG A 286 -19.67 1.62 12.02
N ASP A 287 -20.60 2.49 11.66
CA ASP A 287 -21.81 2.10 10.90
C ASP A 287 -21.40 1.51 9.56
N ARG A 288 -20.42 2.13 8.90
CA ARG A 288 -19.90 1.66 7.61
C ARG A 288 -19.27 0.28 7.76
N GLY A 289 -18.71 0.00 8.92
CA GLY A 289 -18.02 -1.27 9.16
C GLY A 289 -16.50 -1.21 9.35
N PHE A 290 -16.02 -0.12 9.91
CA PHE A 290 -14.74 -0.18 10.64
C PHE A 290 -14.86 -1.17 11.79
N ILE A 291 -13.78 -1.86 12.06
CA ILE A 291 -13.67 -2.63 13.25
C ILE A 291 -12.80 -1.80 14.23
N PRO A 292 -12.86 -2.10 15.52
CA PRO A 292 -12.12 -1.27 16.49
C PRO A 292 -10.60 -1.31 16.21
N GLU A 293 -10.10 -2.47 15.86
CA GLU A 293 -8.64 -2.63 15.62
C GLU A 293 -8.20 -1.66 14.55
N GLY A 294 -8.99 -1.54 13.49
CA GLY A 294 -8.68 -0.63 12.36
C GLY A 294 -8.77 0.83 12.73
N LEU A 295 -9.88 1.19 13.42
CA LEU A 295 -10.01 2.59 13.78
C LEU A 295 -8.96 3.07 14.81
N LEU A 296 -8.68 2.27 15.83
N LEU A 296 -8.71 2.21 15.83
CA LEU A 296 -7.67 2.64 16.81
CA LEU A 296 -7.64 2.27 16.91
C LEU A 296 -6.31 2.79 16.15
C LEU A 296 -6.28 2.56 16.33
N ASN A 297 -5.93 1.79 15.28
CA ASN A 297 -4.67 1.97 14.57
C ASN A 297 -4.59 3.31 13.86
N TYR A 298 -5.72 3.74 13.22
CA TYR A 298 -5.67 5.00 12.49
C TYR A 298 -5.56 6.22 13.43
N LEU A 299 -6.46 6.27 14.42
CA LEU A 299 -6.42 7.32 15.49
C LEU A 299 -5.01 7.49 16.10
N ALA A 300 -4.34 6.38 16.33
CA ALA A 300 -3.01 6.43 16.98
C ALA A 300 -2.03 7.20 16.12
N LEU A 301 -2.24 7.22 14.80
CA LEU A 301 -1.37 7.90 13.86
C LEU A 301 -1.62 9.40 13.70
N LEU A 302 -2.64 9.90 14.40
CA LEU A 302 -2.89 11.34 14.45
C LEU A 302 -2.09 12.01 15.56
N GLY A 303 -0.79 12.15 15.34
CA GLY A 303 0.06 12.87 16.27
C GLY A 303 1.24 12.04 16.73
N TRP A 304 1.37 10.83 16.18
CA TRP A 304 2.23 9.81 16.76
C TRP A 304 2.56 8.73 15.73
N SER A 305 3.77 8.17 15.83
CA SER A 305 4.13 6.99 15.08
C SER A 305 4.89 5.98 15.95
N ILE A 306 4.58 4.70 15.77
CA ILE A 306 5.16 3.65 16.61
C ILE A 306 6.61 3.37 16.22
N ALA A 307 6.95 3.72 14.98
CA ALA A 307 8.29 3.46 14.47
C ALA A 307 8.43 4.02 13.05
N ASP A 308 9.65 3.99 12.52
CA ASP A 308 9.96 4.67 11.31
C ASP A 308 9.80 3.76 10.11
N ASP A 309 9.56 2.49 10.37
CA ASP A 309 9.52 1.47 9.34
C ASP A 309 8.15 0.80 9.10
N HIS A 310 7.16 1.15 9.90
CA HIS A 310 5.81 0.66 9.72
C HIS A 310 4.79 1.49 10.49
N ASP A 311 3.51 1.30 10.14
CA ASP A 311 2.40 1.99 10.80
C ASP A 311 1.20 1.13 11.10
N LEU A 312 1.35 -0.16 10.87
CA LEU A 312 0.33 -1.15 11.12
C LEU A 312 0.58 -1.89 12.43
N PHE A 313 -0.35 -1.82 13.37
CA PHE A 313 -0.10 -2.45 14.64
C PHE A 313 -1.37 -2.59 15.44
N GLY A 314 -1.30 -3.41 16.47
CA GLY A 314 -2.43 -3.66 17.39
C GLY A 314 -2.29 -2.78 18.65
N LEU A 315 -3.33 -2.85 19.45
CA LEU A 315 -3.40 -2.04 20.67
C LEU A 315 -2.27 -2.44 21.64
N ASP A 316 -1.98 -3.75 21.82
CA ASP A 316 -0.89 -4.15 22.71
C ASP A 316 0.44 -3.57 22.29
N GLU A 317 0.70 -3.59 20.98
CA GLU A 317 1.92 -3.08 20.48
C GLU A 317 1.99 -1.60 20.75
N MET A 318 0.83 -0.94 20.63
CA MET A 318 0.71 0.48 20.89
C MET A 318 1.04 0.72 22.38
N VAL A 319 0.36 0.00 23.26
CA VAL A 319 0.55 0.18 24.69
C VAL A 319 2.02 0.05 25.08
N ALA A 320 2.72 -0.90 24.47
CA ALA A 320 4.12 -1.15 24.76
C ALA A 320 4.98 0.05 24.36
N ALA A 321 4.58 0.73 23.29
CA ALA A 321 5.45 1.70 22.63
C ALA A 321 5.07 3.13 23.00
N PHE A 322 3.80 3.32 23.38
CA PHE A 322 3.23 4.65 23.44
C PHE A 322 3.87 5.48 24.56
N ASP A 323 4.49 6.58 24.18
CA ASP A 323 4.84 7.63 25.14
C ASP A 323 4.60 9.02 24.55
N VAL A 324 3.84 9.84 25.28
CA VAL A 324 3.24 11.04 24.71
C VAL A 324 4.28 12.11 24.45
N ALA A 325 5.44 11.96 25.08
CA ALA A 325 6.60 12.79 24.74
C ALA A 325 7.05 12.56 23.30
N ASP A 326 6.52 11.51 22.69
CA ASP A 326 6.86 11.17 21.31
C ASP A 326 5.80 11.68 20.34
N VAL A 327 4.67 12.13 20.88
CA VAL A 327 3.70 12.90 20.11
C VAL A 327 4.32 14.16 19.54
N ASN A 328 4.10 14.41 18.26
CA ASN A 328 4.58 15.61 17.60
C ASN A 328 3.53 16.71 17.55
N SER A 329 3.97 17.95 17.40
CA SER A 329 3.07 19.10 17.44
C SER A 329 2.71 19.57 16.03
N SER A 330 3.19 18.84 15.03
CA SER A 330 2.86 19.15 13.65
C SER A 330 1.39 18.86 13.27
N PRO A 331 0.92 19.49 12.17
CA PRO A 331 -0.44 19.40 11.65
C PRO A 331 -0.86 17.92 11.61
N ALA A 332 -1.98 17.54 12.21
CA ALA A 332 -2.53 16.20 11.97
C ALA A 332 -3.80 16.31 11.11
N ARG A 333 -3.73 15.87 9.85
CA ARG A 333 -4.90 15.90 8.97
C ARG A 333 -5.51 14.51 8.70
N PHE A 334 -6.80 14.45 8.92
CA PHE A 334 -7.54 13.22 8.84
C PHE A 334 -7.58 12.75 7.38
N ASP A 335 -7.21 11.50 7.15
CA ASP A 335 -7.01 10.94 5.78
C ASP A 335 -7.80 9.66 5.56
N GLN A 336 -8.96 9.79 4.93
CA GLN A 336 -9.96 8.72 4.92
C GLN A 336 -9.55 7.59 4.00
N LYS A 337 -8.52 7.83 3.19
CA LYS A 337 -7.92 6.78 2.37
C LYS A 337 -7.02 5.87 3.21
N LYS A 338 -6.22 6.49 4.07
CA LYS A 338 -5.32 5.73 4.96
C LYS A 338 -6.11 4.97 6.01
N ALA A 339 -7.11 5.62 6.59
CA ALA A 339 -8.05 4.96 7.48
C ALA A 339 -8.58 3.66 6.87
N ASP A 340 -9.19 3.79 5.69
CA ASP A 340 -9.77 2.64 5.01
C ASP A 340 -8.71 1.54 4.80
N ALA A 341 -7.53 1.95 4.35
CA ALA A 341 -6.47 0.99 4.05
C ALA A 341 -6.08 0.20 5.31
N LEU A 342 -6.02 0.89 6.45
CA LEU A 342 -5.63 0.26 7.69
C LEU A 342 -6.70 -0.70 8.19
N ASN A 343 -7.96 -0.30 8.06
CA ASN A 343 -9.08 -1.16 8.43
C ASN A 343 -9.12 -2.44 7.59
N ALA A 344 -8.95 -2.29 6.28
CA ALA A 344 -8.90 -3.45 5.39
C ALA A 344 -7.86 -4.46 5.85
N GLU A 345 -6.64 -3.99 6.08
CA GLU A 345 -5.57 -4.86 6.54
C GLU A 345 -5.93 -5.54 7.86
N HIS A 346 -6.59 -4.79 8.73
CA HIS A 346 -6.93 -5.29 10.07
C HIS A 346 -8.07 -6.29 10.01
N ILE A 347 -8.96 -6.11 9.03
CA ILE A 347 -9.97 -7.12 8.72
C ILE A 347 -9.32 -8.42 8.25
N ARG A 348 -8.36 -8.31 7.34
CA ARG A 348 -7.66 -9.47 6.81
C ARG A 348 -6.79 -10.14 7.87
N MET A 349 -6.55 -9.41 8.95
CA MET A 349 -5.69 -9.92 10.02
C MET A 349 -6.46 -10.82 10.98
N LEU A 350 -7.78 -10.65 10.99
CA LEU A 350 -8.64 -11.44 11.86
C LEU A 350 -8.57 -12.94 11.51
N ASP A 351 -8.72 -13.79 12.51
N ASP A 351 -8.71 -13.77 12.54
CA ASP A 351 -8.85 -15.18 12.24
CA ASP A 351 -8.91 -15.20 12.39
C ASP A 351 -10.26 -15.36 11.71
C ASP A 351 -10.26 -15.30 11.65
N VAL A 352 -10.38 -16.32 10.80
CA VAL A 352 -11.57 -16.48 9.98
C VAL A 352 -12.85 -16.56 10.80
N GLY A 353 -12.81 -17.28 11.93
CA GLY A 353 -13.99 -17.43 12.81
C GLY A 353 -14.47 -16.14 13.38
N ASP A 354 -13.52 -15.32 13.83
CA ASP A 354 -13.81 -14.05 14.43
C ASP A 354 -14.43 -13.17 13.35
N PHE A 355 -13.84 -13.16 12.17
CA PHE A 355 -14.30 -12.26 11.10
C PHE A 355 -15.74 -12.65 10.77
N THR A 356 -15.98 -13.95 10.74
CA THR A 356 -17.26 -14.49 10.24
C THR A 356 -18.39 -14.04 11.21
N VAL A 357 -18.21 -14.26 12.51
CA VAL A 357 -19.16 -13.81 13.54
C VAL A 357 -19.33 -12.32 13.44
N ARG A 358 -18.23 -11.55 13.28
CA ARG A 358 -18.44 -10.14 13.16
C ARG A 358 -19.19 -9.71 11.90
N LEU A 359 -18.98 -10.43 10.79
CA LEU A 359 -19.53 -10.01 9.56
C LEU A 359 -21.04 -10.36 9.60
N ARG A 360 -21.33 -11.51 10.16
CA ARG A 360 -22.75 -12.02 10.26
C ARG A 360 -23.46 -10.94 11.04
N ASP A 361 -22.93 -10.57 12.21
CA ASP A 361 -23.61 -9.63 13.10
C ASP A 361 -23.86 -8.30 12.42
N HIS A 362 -22.85 -7.80 11.72
CA HIS A 362 -22.94 -6.50 11.06
C HIS A 362 -24.03 -6.48 10.01
N LEU A 363 -24.00 -7.45 9.10
CA LEU A 363 -25.06 -7.64 8.13
C LEU A 363 -26.42 -7.76 8.82
N ASP A 364 -26.52 -8.66 9.79
CA ASP A 364 -27.77 -8.94 10.47
C ASP A 364 -28.36 -7.67 11.08
N THR A 365 -27.52 -6.88 11.74
CA THR A 365 -27.99 -5.76 12.53
C THR A 365 -28.23 -4.53 11.66
N HIS A 366 -27.84 -4.62 10.40
CA HIS A 366 -28.17 -3.58 9.44
C HIS A 366 -29.41 -3.89 8.53
N GLY A 367 -30.03 -5.03 8.81
CA GLY A 367 -31.27 -5.44 8.14
C GLY A 367 -30.83 -6.15 6.87
N HIS A 368 -29.64 -6.74 6.93
CA HIS A 368 -28.97 -7.24 5.74
C HIS A 368 -28.54 -8.69 5.92
N HIS A 369 -29.41 -9.50 6.50
CA HIS A 369 -29.16 -10.92 6.66
C HIS A 369 -28.91 -11.60 5.32
N ILE A 370 -27.87 -12.42 5.26
CA ILE A 370 -27.63 -13.27 4.10
C ILE A 370 -28.21 -14.66 4.29
N ALA A 371 -28.98 -15.11 3.31
CA ALA A 371 -29.76 -16.34 3.45
C ALA A 371 -28.93 -17.57 3.13
N LEU A 372 -27.76 -17.67 3.76
CA LEU A 372 -27.06 -18.94 3.89
C LEU A 372 -27.08 -19.43 5.33
N ASP A 373 -27.15 -20.75 5.50
CA ASP A 373 -27.02 -21.36 6.81
C ASP A 373 -25.59 -21.27 7.33
N GLU A 374 -25.39 -21.66 8.59
CA GLU A 374 -24.16 -21.34 9.31
C GLU A 374 -22.90 -21.72 8.54
N ALA A 375 -22.91 -22.91 7.96
CA ALA A 375 -21.76 -23.45 7.27
C ALA A 375 -21.46 -22.77 5.92
N ALA A 376 -22.50 -22.48 5.11
CA ALA A 376 -22.26 -21.87 3.80
C ALA A 376 -21.92 -20.40 3.99
N PHE A 377 -22.48 -19.79 5.05
CA PHE A 377 -22.21 -18.37 5.30
C PHE A 377 -20.74 -18.26 5.71
N ALA A 378 -20.30 -19.19 6.54
CA ALA A 378 -18.87 -19.22 6.96
C ALA A 378 -18.01 -19.33 5.69
N ALA A 379 -18.36 -20.25 4.78
CA ALA A 379 -17.63 -20.31 3.49
C ALA A 379 -17.63 -18.96 2.76
N ALA A 380 -18.79 -18.29 2.68
CA ALA A 380 -18.89 -17.02 1.91
C ALA A 380 -18.04 -15.93 2.62
N ALA A 381 -18.00 -15.93 3.96
CA ALA A 381 -17.27 -14.92 4.78
C ALA A 381 -15.81 -14.99 4.39
N GLU A 382 -15.26 -16.20 4.37
CA GLU A 382 -13.85 -16.38 4.06
C GLU A 382 -13.54 -15.98 2.62
N LEU A 383 -14.59 -15.93 1.79
CA LEU A 383 -14.44 -15.50 0.40
C LEU A 383 -14.21 -14.01 0.30
N VAL A 384 -14.84 -13.25 1.19
CA VAL A 384 -14.96 -11.80 1.03
C VAL A 384 -14.03 -11.07 1.97
N GLN A 385 -13.43 -11.80 2.91
CA GLN A 385 -12.58 -11.20 3.92
C GLN A 385 -11.45 -10.40 3.29
N THR A 386 -10.96 -10.88 2.14
CA THR A 386 -9.82 -10.25 1.48
C THR A 386 -10.27 -9.25 0.43
N ARG A 387 -11.57 -8.97 0.41
CA ARG A 387 -12.20 -8.38 -0.77
C ARG A 387 -13.10 -7.20 -0.37
N ILE A 388 -12.95 -6.75 0.87
CA ILE A 388 -13.63 -5.54 1.32
C ILE A 388 -12.66 -4.58 1.99
N VAL A 389 -13.10 -3.34 2.19
CA VAL A 389 -12.41 -2.41 3.10
C VAL A 389 -13.10 -2.23 4.43
N VAL A 390 -14.44 -2.33 4.40
CA VAL A 390 -15.31 -2.16 5.57
C VAL A 390 -16.38 -3.24 5.62
N LEU A 391 -16.88 -3.60 6.80
CA LEU A 391 -17.76 -4.80 6.88
C LEU A 391 -18.95 -4.59 5.98
N GLY A 392 -19.29 -3.34 5.79
CA GLY A 392 -20.51 -2.99 5.01
C GLY A 392 -20.41 -3.32 3.52
N ASP A 393 -19.17 -3.40 3.03
CA ASP A 393 -18.94 -3.67 1.61
C ASP A 393 -19.51 -5.08 1.26
N ALA A 394 -19.68 -5.92 2.25
CA ALA A 394 -20.02 -7.32 2.00
C ALA A 394 -21.49 -7.46 1.51
N TRP A 395 -22.28 -6.44 1.74
CA TRP A 395 -23.70 -6.61 1.35
C TRP A 395 -23.87 -6.60 -0.14
N GLU A 396 -23.29 -5.61 -0.81
CA GLU A 396 -23.21 -5.58 -2.27
C GLU A 396 -22.59 -6.83 -2.88
N LEU A 397 -21.48 -7.30 -2.30
CA LEU A 397 -20.82 -8.49 -2.80
C LEU A 397 -21.73 -9.71 -2.72
N LEU A 398 -22.54 -9.78 -1.68
CA LEU A 398 -22.97 -11.06 -1.12
C LEU A 398 -24.45 -11.30 -1.37
N LYS A 399 -25.17 -10.23 -1.72
CA LYS A 399 -26.61 -10.18 -1.53
C LYS A 399 -27.34 -10.95 -2.63
N PHE A 400 -26.60 -11.33 -3.66
CA PHE A 400 -27.13 -12.18 -4.72
C PHE A 400 -27.49 -13.56 -4.19
N PHE A 401 -27.14 -13.81 -2.92
CA PHE A 401 -27.36 -15.11 -2.31
C PHE A 401 -28.77 -15.23 -1.74
N ASN A 402 -29.41 -14.08 -1.52
CA ASN A 402 -30.84 -14.04 -1.27
C ASN A 402 -31.64 -13.89 -2.55
N ASP A 403 -32.63 -14.75 -2.74
CA ASP A 403 -33.56 -14.64 -3.88
C ASP A 403 -34.18 -13.27 -4.00
N ASP A 404 -34.57 -12.69 -2.86
CA ASP A 404 -35.28 -11.46 -2.82
C ASP A 404 -34.43 -10.21 -3.05
N GLN A 405 -33.12 -10.41 -3.21
CA GLN A 405 -32.20 -9.35 -3.70
C GLN A 405 -31.57 -9.54 -5.07
N TYR A 406 -31.86 -10.66 -5.71
CA TYR A 406 -31.28 -10.91 -7.02
C TYR A 406 -31.88 -9.96 -8.03
N VAL A 407 -30.99 -9.26 -8.72
CA VAL A 407 -31.36 -8.34 -9.79
CA VAL A 407 -31.33 -8.29 -9.76
C VAL A 407 -30.24 -8.37 -10.85
N ILE A 408 -30.64 -8.59 -12.08
CA ILE A 408 -29.61 -8.65 -13.10
C ILE A 408 -29.31 -7.21 -13.46
N ASP A 409 -28.02 -6.82 -13.34
CA ASP A 409 -27.59 -5.51 -13.85
C ASP A 409 -27.65 -5.39 -15.36
N PRO A 410 -28.35 -4.36 -15.87
CA PRO A 410 -28.55 -4.10 -17.31
C PRO A 410 -27.29 -4.06 -18.14
N LYS A 411 -26.24 -3.37 -17.66
CA LYS A 411 -24.95 -3.33 -18.34
C LYS A 411 -24.48 -4.75 -18.54
N ALA A 412 -24.22 -5.44 -17.41
CA ALA A 412 -23.83 -6.84 -17.42
C ALA A 412 -24.73 -7.64 -18.40
N ALA A 413 -26.03 -7.39 -18.37
CA ALA A 413 -26.97 -8.12 -19.21
C ALA A 413 -26.89 -7.65 -20.65
N ALA A 414 -26.03 -6.67 -20.91
CA ALA A 414 -25.83 -6.15 -22.26
C ALA A 414 -24.49 -6.57 -22.82
N LYS A 415 -23.47 -6.58 -21.97
CA LYS A 415 -22.26 -7.35 -22.23
C LYS A 415 -22.57 -8.83 -22.40
N GLU A 416 -23.16 -9.43 -21.36
CA GLU A 416 -22.93 -10.84 -21.06
C GLU A 416 -24.16 -11.67 -21.36
N LEU A 417 -25.17 -11.04 -21.95
CA LEU A 417 -26.50 -11.63 -22.04
C LEU A 417 -27.00 -11.67 -23.49
N GLY A 418 -26.25 -11.02 -24.38
CA GLY A 418 -26.72 -10.76 -25.73
C GLY A 418 -26.79 -12.01 -26.61
N PRO A 419 -26.84 -11.80 -27.95
CA PRO A 419 -26.71 -12.88 -28.92
C PRO A 419 -25.71 -13.95 -28.47
N ASP A 420 -24.44 -13.58 -28.29
CA ASP A 420 -23.34 -14.53 -28.08
C ASP A 420 -23.46 -15.08 -26.69
N GLY A 421 -24.01 -14.21 -25.83
CA GLY A 421 -24.55 -14.62 -24.54
C GLY A 421 -25.37 -15.88 -24.77
N ALA A 422 -26.22 -15.89 -25.81
CA ALA A 422 -27.02 -17.08 -26.11
C ALA A 422 -26.15 -18.28 -26.37
N ALA A 423 -25.17 -18.10 -27.26
CA ALA A 423 -24.23 -19.16 -27.57
C ALA A 423 -23.64 -19.76 -26.29
N VAL A 424 -23.17 -18.86 -25.39
CA VAL A 424 -22.49 -19.15 -24.11
C VAL A 424 -23.51 -19.68 -23.08
N LEU A 425 -24.61 -18.97 -22.95
CA LEU A 425 -25.68 -19.50 -22.13
C LEU A 425 -26.10 -20.89 -22.58
N ASP A 426 -26.08 -21.16 -23.91
CA ASP A 426 -26.50 -22.48 -24.37
C ASP A 426 -25.56 -23.58 -23.97
N ALA A 427 -24.32 -23.38 -24.36
CA ALA A 427 -23.28 -24.36 -24.15
C ALA A 427 -22.99 -24.54 -22.63
N ALA A 428 -22.98 -23.44 -21.90
CA ALA A 428 -22.91 -23.44 -20.46
C ALA A 428 -24.04 -24.25 -19.82
N LEU A 429 -25.25 -24.01 -20.30
CA LEU A 429 -26.33 -24.87 -19.84
C LEU A 429 -26.07 -26.34 -20.14
N ALA A 430 -25.69 -26.65 -21.38
CA ALA A 430 -25.27 -28.02 -21.64
C ALA A 430 -24.25 -28.38 -20.55
N ALA A 431 -23.20 -27.59 -20.50
CA ALA A 431 -22.06 -27.95 -19.68
C ALA A 431 -22.48 -28.46 -18.31
N LEU A 432 -23.34 -27.68 -17.66
CA LEU A 432 -23.42 -27.67 -16.20
C LEU A 432 -24.41 -28.69 -15.69
N THR A 433 -25.44 -28.97 -16.50
CA THR A 433 -26.52 -29.85 -16.08
C THR A 433 -25.99 -31.09 -15.39
N SER A 434 -24.96 -31.69 -15.97
CA SER A 434 -24.73 -33.13 -15.85
C SER A 434 -23.85 -33.44 -14.65
N VAL A 435 -23.22 -32.42 -14.09
CA VAL A 435 -22.41 -32.57 -12.89
C VAL A 435 -23.17 -33.31 -11.80
N THR A 436 -22.61 -34.44 -11.37
CA THR A 436 -23.22 -35.23 -10.29
C THR A 436 -23.31 -34.41 -9.01
N ASP A 437 -22.28 -33.60 -8.75
CA ASP A 437 -22.10 -32.98 -7.45
C ASP A 437 -21.86 -31.48 -7.58
N TRP A 438 -22.70 -30.69 -6.92
CA TRP A 438 -22.49 -29.25 -6.81
C TRP A 438 -21.45 -28.92 -5.74
N THR A 439 -20.25 -29.47 -5.92
CA THR A 439 -19.13 -29.11 -5.05
C THR A 439 -18.05 -28.36 -5.82
N ALA A 440 -17.48 -27.34 -5.21
CA ALA A 440 -16.81 -26.29 -5.92
C ALA A 440 -15.84 -26.79 -6.99
N PRO A 441 -15.20 -27.93 -6.71
CA PRO A 441 -13.91 -28.26 -7.34
C PRO A 441 -14.10 -28.72 -8.79
N LEU A 442 -15.35 -28.81 -9.23
CA LEU A 442 -15.66 -29.45 -10.50
C LEU A 442 -16.22 -28.44 -11.50
N ILE A 443 -17.20 -27.65 -11.08
CA ILE A 443 -17.91 -26.76 -11.97
C ILE A 443 -16.93 -25.99 -12.87
N GLU A 444 -15.78 -25.65 -12.33
CA GLU A 444 -14.74 -24.97 -13.10
C GLU A 444 -14.47 -25.71 -14.41
N ALA A 445 -14.32 -27.03 -14.33
CA ALA A 445 -13.81 -27.82 -15.44
C ALA A 445 -14.88 -28.00 -16.52
N ALA A 446 -16.13 -27.97 -16.11
CA ALA A 446 -17.26 -28.09 -17.04
C ALA A 446 -17.26 -26.94 -18.04
N LEU A 447 -17.03 -25.73 -17.55
CA LEU A 447 -17.31 -24.51 -18.33
C LEU A 447 -16.14 -24.19 -19.25
N LYS A 448 -14.93 -24.35 -18.74
CA LYS A 448 -13.76 -24.06 -19.58
C LYS A 448 -13.75 -25.09 -20.71
N ASP A 449 -14.06 -26.33 -20.43
CA ASP A 449 -14.45 -27.27 -21.47
C ASP A 449 -15.42 -26.75 -22.55
N ALA A 450 -16.53 -26.22 -22.13
CA ALA A 450 -17.54 -25.81 -23.11
C ALA A 450 -17.15 -24.52 -23.81
N LEU A 451 -16.52 -23.59 -23.19
CA LEU A 451 -16.60 -22.18 -23.56
C LEU A 451 -15.27 -21.55 -24.02
N ILE A 452 -14.18 -21.92 -23.36
CA ILE A 452 -12.86 -21.85 -23.97
C ILE A 452 -12.65 -22.99 -24.98
N GLU A 453 -13.06 -24.19 -24.59
CA GLU A 453 -12.63 -25.40 -25.27
C GLU A 453 -13.13 -25.44 -26.71
N GLY A 454 -14.42 -25.14 -26.89
CA GLY A 454 -15.10 -25.45 -28.13
C GLY A 454 -15.77 -24.23 -28.75
N LEU A 455 -15.92 -23.17 -27.94
CA LEU A 455 -16.33 -21.87 -28.46
C LEU A 455 -15.08 -21.06 -28.85
N ALA A 456 -14.05 -21.43 -28.08
CA ALA A 456 -12.68 -20.95 -28.29
C ALA A 456 -12.51 -19.45 -28.00
N LEU A 457 -13.26 -18.74 -27.17
CA LEU A 457 -13.00 -17.39 -26.67
C LEU A 457 -12.39 -17.43 -25.27
N LYS A 458 -11.96 -16.27 -24.79
CA LYS A 458 -11.08 -16.19 -23.64
C LYS A 458 -11.72 -16.80 -22.41
N PRO A 459 -10.89 -17.38 -21.53
CA PRO A 459 -11.38 -17.98 -20.29
C PRO A 459 -12.33 -17.05 -19.55
N ARG A 460 -12.25 -15.76 -19.82
CA ARG A 460 -13.08 -14.76 -19.17
C ARG A 460 -14.45 -14.55 -19.80
N LYS A 461 -14.72 -15.28 -20.87
CA LYS A 461 -16.05 -15.32 -21.46
C LYS A 461 -16.66 -16.72 -21.35
N ALA A 462 -15.80 -17.72 -21.21
CA ALA A 462 -16.20 -18.99 -20.61
C ALA A 462 -17.02 -18.76 -19.33
N PHE A 463 -16.48 -17.95 -18.43
CA PHE A 463 -17.04 -17.81 -17.11
C PHE A 463 -17.92 -16.62 -16.89
N SER A 464 -17.67 -15.58 -17.66
CA SER A 464 -18.44 -14.38 -17.54
C SER A 464 -19.94 -14.60 -17.48
N PRO A 465 -20.54 -15.05 -18.57
CA PRO A 465 -21.99 -14.95 -18.65
C PRO A 465 -22.60 -15.84 -17.63
N ILE A 466 -21.83 -16.82 -17.16
CA ILE A 466 -22.21 -17.52 -15.98
C ILE A 466 -22.36 -16.51 -14.84
N ARG A 467 -21.36 -15.67 -14.65
CA ARG A 467 -21.31 -14.86 -13.46
C ARG A 467 -22.54 -13.96 -13.41
N VAL A 468 -22.77 -13.25 -14.52
CA VAL A 468 -23.91 -12.38 -14.63
C VAL A 468 -25.24 -13.08 -14.44
N ALA A 469 -25.34 -14.30 -14.98
CA ALA A 469 -26.57 -15.08 -14.87
C ALA A 469 -26.77 -15.57 -13.44
N ALA A 470 -25.67 -15.77 -12.72
CA ALA A 470 -25.72 -16.35 -11.39
C ALA A 470 -25.86 -15.28 -10.32
N THR A 471 -25.21 -14.13 -10.54
CA THR A 471 -24.99 -13.16 -9.48
C THR A 471 -25.64 -11.83 -9.82
N GLY A 472 -25.90 -11.60 -11.11
CA GLY A 472 -26.45 -10.35 -11.57
C GLY A 472 -25.44 -9.33 -12.02
N THR A 473 -24.14 -9.61 -11.78
CA THR A 473 -23.10 -8.59 -11.95
C THR A 473 -21.85 -9.19 -12.59
N THR A 474 -21.08 -8.31 -13.26
CA THR A 474 -19.78 -8.68 -13.85
C THR A 474 -18.65 -8.86 -12.83
N VAL A 475 -18.88 -8.27 -11.68
CA VAL A 475 -18.00 -8.45 -10.53
C VAL A 475 -18.72 -9.15 -9.39
N SER A 476 -18.11 -10.18 -8.82
CA SER A 476 -18.66 -10.87 -7.66
C SER A 476 -17.56 -11.62 -6.92
N PRO A 477 -17.95 -12.41 -5.93
CA PRO A 477 -17.06 -13.44 -5.38
C PRO A 477 -16.59 -14.45 -6.40
N PRO A 478 -15.50 -15.16 -6.09
CA PRO A 478 -14.97 -16.19 -6.98
C PRO A 478 -16.07 -17.12 -7.48
N LEU A 479 -16.12 -17.33 -8.79
CA LEU A 479 -17.32 -17.86 -9.44
C LEU A 479 -17.83 -19.11 -8.71
N PHE A 480 -16.94 -20.07 -8.50
CA PHE A 480 -17.32 -21.47 -8.47
C PHE A 480 -17.79 -21.89 -7.08
N GLU A 481 -17.05 -21.45 -6.06
CA GLU A 481 -17.57 -21.43 -4.70
C GLU A 481 -18.95 -20.78 -4.64
N SER A 482 -19.13 -19.72 -5.41
CA SER A 482 -20.44 -19.00 -5.46
C SER A 482 -21.50 -19.88 -6.10
N LEU A 483 -21.12 -20.60 -7.14
CA LEU A 483 -22.07 -21.57 -7.72
C LEU A 483 -22.34 -22.70 -6.73
N GLU A 484 -21.29 -23.29 -6.17
CA GLU A 484 -21.43 -24.27 -5.10
C GLU A 484 -22.45 -23.81 -4.06
N LEU A 485 -22.28 -22.58 -3.58
CA LEU A 485 -23.03 -22.11 -2.42
C LEU A 485 -24.45 -21.68 -2.81
N LEU A 486 -24.58 -21.17 -4.03
CA LEU A 486 -25.90 -20.96 -4.64
C LEU A 486 -26.72 -22.25 -4.60
N GLY A 487 -26.05 -23.38 -4.81
CA GLY A 487 -26.73 -24.65 -5.00
C GLY A 487 -26.99 -24.97 -6.47
N ARG A 488 -26.97 -26.25 -6.80
CA ARG A 488 -27.36 -26.69 -8.11
C ARG A 488 -28.69 -26.11 -8.66
N ASP A 489 -29.77 -26.35 -7.92
CA ASP A 489 -31.09 -25.98 -8.39
C ASP A 489 -31.17 -24.50 -8.67
N ARG A 490 -30.64 -23.66 -7.78
CA ARG A 490 -30.75 -22.22 -8.00
CA ARG A 490 -30.76 -22.22 -7.99
C ARG A 490 -29.87 -21.75 -9.14
N SER A 491 -28.68 -22.32 -9.23
CA SER A 491 -27.78 -22.02 -10.36
C SER A 491 -28.45 -22.37 -11.74
N MET A 492 -28.83 -23.61 -11.88
CA MET A 492 -29.56 -24.02 -13.08
C MET A 492 -30.72 -23.11 -13.41
N GLN A 493 -31.52 -22.76 -12.40
CA GLN A 493 -32.70 -21.94 -12.61
C GLN A 493 -32.33 -20.57 -13.18
N ARG A 494 -31.30 -19.96 -12.61
CA ARG A 494 -30.92 -18.59 -12.96
C ARG A 494 -30.28 -18.54 -14.35
N LEU A 495 -29.43 -19.53 -14.64
CA LEU A 495 -28.84 -19.66 -15.96
C LEU A 495 -29.90 -19.85 -17.04
N ARG A 496 -30.84 -20.74 -16.78
CA ARG A 496 -31.88 -21.07 -17.75
C ARG A 496 -32.76 -19.86 -18.05
N ALA A 497 -33.04 -19.08 -17.01
CA ALA A 497 -33.84 -17.86 -17.17
C ALA A 497 -33.06 -16.78 -17.89
N ALA A 498 -31.74 -16.81 -17.74
CA ALA A 498 -30.88 -15.74 -18.24
C ALA A 498 -31.00 -15.60 -19.75
N ARG A 499 -30.84 -16.73 -20.46
CA ARG A 499 -30.23 -16.70 -21.78
C ARG A 499 -30.88 -15.66 -22.68
N GLN A 500 -32.15 -15.36 -22.39
CA GLN A 500 -33.04 -14.75 -23.38
C GLN A 500 -32.73 -13.26 -23.55
N MET B 16 -6.50 -24.25 -15.65
CA MET B 16 -5.68 -25.41 -15.31
C MET B 16 -5.45 -26.31 -16.51
N THR B 17 -6.39 -26.27 -17.46
CA THR B 17 -6.24 -26.99 -18.72
C THR B 17 -5.17 -26.34 -19.60
N ALA B 18 -4.56 -27.13 -20.47
CA ALA B 18 -3.64 -26.62 -21.46
C ALA B 18 -4.06 -27.00 -22.87
N THR B 19 -3.19 -26.74 -23.84
CA THR B 19 -2.72 -27.79 -24.74
C THR B 19 -2.17 -28.98 -23.97
N GLU B 20 -2.23 -30.15 -24.58
CA GLU B 20 -1.65 -31.36 -24.00
C GLU B 20 -0.16 -31.67 -23.90
N THR B 21 0.53 -31.57 -25.03
CA THR B 21 1.97 -31.36 -25.03
C THR B 21 2.00 -29.90 -25.44
N VAL B 22 2.17 -29.02 -24.45
CA VAL B 22 2.47 -27.62 -24.72
C VAL B 22 3.98 -27.61 -24.96
N ARG B 23 4.39 -27.07 -26.11
CA ARG B 23 5.77 -26.71 -26.34
C ARG B 23 5.80 -25.24 -26.74
N VAL B 24 6.55 -24.44 -25.98
CA VAL B 24 6.70 -22.97 -26.18
C VAL B 24 8.17 -22.69 -26.43
N ARG B 25 8.49 -21.47 -26.94
CA ARG B 25 9.92 -21.09 -27.11
C ARG B 25 10.15 -19.70 -26.67
N PHE B 26 11.41 -19.48 -26.29
CA PHE B 26 12.01 -18.19 -26.09
C PHE B 26 13.13 -18.16 -27.12
N CYS B 27 13.09 -17.20 -28.04
CA CYS B 27 13.98 -17.21 -29.20
C CYS B 27 14.55 -15.83 -29.47
N PRO B 28 15.28 -15.28 -28.49
CA PRO B 28 15.95 -14.00 -28.65
C PRO B 28 17.01 -14.04 -29.75
N SER B 29 17.29 -12.89 -30.36
CA SER B 29 18.61 -12.63 -30.94
C SER B 29 19.51 -11.90 -29.95
N PRO B 30 20.68 -12.46 -29.71
CA PRO B 30 21.63 -11.86 -28.76
C PRO B 30 21.96 -10.51 -29.39
N THR B 31 21.49 -9.43 -28.77
CA THR B 31 22.01 -8.10 -29.05
C THR B 31 21.92 -7.36 -27.71
N GLY B 32 23.01 -6.72 -27.31
CA GLY B 32 23.01 -5.84 -26.14
C GLY B 32 22.47 -6.56 -24.90
N THR B 33 22.05 -5.79 -23.90
CA THR B 33 21.68 -6.33 -22.58
C THR B 33 20.21 -6.78 -22.56
N PRO B 34 19.86 -7.79 -21.75
CA PRO B 34 18.43 -8.14 -21.61
C PRO B 34 17.51 -7.07 -21.06
N HIS B 35 16.44 -6.76 -21.79
CA HIS B 35 15.46 -5.68 -21.52
CA HIS B 35 15.56 -5.69 -21.35
C HIS B 35 14.32 -6.29 -20.76
N VAL B 36 13.56 -5.45 -20.03
CA VAL B 36 12.43 -6.05 -19.29
C VAL B 36 11.33 -6.71 -20.18
N GLY B 37 10.97 -6.09 -21.30
CA GLY B 37 9.99 -6.67 -22.27
C GLY B 37 10.36 -8.09 -22.64
N LEU B 38 11.62 -8.30 -22.98
CA LEU B 38 12.07 -9.62 -23.43
C LEU B 38 12.06 -10.65 -22.29
N VAL B 39 12.56 -10.23 -21.14
CA VAL B 39 12.54 -11.08 -19.97
C VAL B 39 11.11 -11.40 -19.51
N ARG B 40 10.21 -10.45 -19.64
CA ARG B 40 8.78 -10.71 -19.36
C ARG B 40 8.29 -11.86 -20.27
N THR B 41 8.68 -11.78 -21.53
CA THR B 41 8.28 -12.81 -22.50
C THR B 41 8.83 -14.18 -22.12
N ALA B 42 10.10 -14.22 -21.75
CA ALA B 42 10.73 -15.45 -21.28
C ALA B 42 9.98 -16.01 -20.07
N LEU B 43 9.76 -15.17 -19.07
CA LEU B 43 9.04 -15.56 -17.87
C LEU B 43 7.65 -16.09 -18.22
N PHE B 44 6.97 -15.41 -19.14
CA PHE B 44 5.59 -15.74 -19.47
C PHE B 44 5.50 -17.09 -20.19
N ASN B 45 6.51 -17.39 -20.98
CA ASN B 45 6.59 -18.69 -21.64
C ASN B 45 6.97 -19.81 -20.66
N TRP B 46 7.83 -19.46 -19.69
CA TRP B 46 8.33 -20.47 -18.80
C TRP B 46 7.17 -20.89 -17.87
N ALA B 47 6.48 -19.87 -17.35
CA ALA B 47 5.37 -20.09 -16.42
C ALA B 47 4.25 -20.88 -17.08
N TYR B 48 4.01 -20.62 -18.40
CA TYR B 48 2.97 -21.37 -19.15
C TYR B 48 3.32 -22.82 -19.43
N ALA B 49 4.55 -23.06 -19.87
CA ALA B 49 5.08 -24.41 -19.96
C ALA B 49 4.86 -25.17 -18.66
N ARG B 50 5.35 -24.61 -17.56
CA ARG B 50 5.34 -25.30 -16.28
C ARG B 50 3.93 -25.44 -15.72
N HIS B 51 3.08 -24.46 -16.04
CA HIS B 51 1.67 -24.54 -15.70
C HIS B 51 1.02 -25.79 -16.30
N THR B 52 1.52 -26.21 -17.46
CA THR B 52 0.78 -27.11 -18.34
C THR B 52 1.47 -28.47 -18.43
N GLY B 53 2.54 -28.64 -17.66
CA GLY B 53 3.37 -29.83 -17.76
C GLY B 53 4.18 -29.88 -19.04
N GLY B 54 4.41 -28.70 -19.62
CA GLY B 54 4.89 -28.61 -20.99
C GLY B 54 6.38 -28.36 -21.06
N THR B 55 6.86 -28.02 -22.26
CA THR B 55 8.33 -27.99 -22.54
C THR B 55 8.72 -26.56 -23.00
N PHE B 56 9.78 -26.02 -22.38
CA PHE B 56 10.24 -24.66 -22.64
C PHE B 56 11.52 -24.79 -23.47
N VAL B 57 11.44 -24.40 -24.75
CA VAL B 57 12.56 -24.54 -25.67
C VAL B 57 13.26 -23.18 -25.80
N PHE B 58 14.59 -23.14 -25.65
CA PHE B 58 15.30 -21.93 -25.77
C PHE B 58 16.14 -21.99 -27.06
N ARG B 59 15.74 -21.17 -28.05
CA ARG B 59 16.34 -21.24 -29.41
C ARG B 59 17.13 -20.01 -29.64
N ILE B 60 18.44 -20.13 -30.02
CA ILE B 60 19.14 -18.88 -30.24
C ILE B 60 19.12 -18.45 -31.71
N GLU B 61 18.67 -17.20 -31.96
CA GLU B 61 18.45 -16.64 -33.31
C GLU B 61 19.69 -15.81 -33.64
N ASP B 62 20.78 -16.51 -33.91
CA ASP B 62 22.05 -15.89 -34.18
C ASP B 62 22.50 -15.92 -35.66
N THR B 63 21.56 -15.89 -36.60
CA THR B 63 21.89 -15.84 -38.01
C THR B 63 22.64 -14.58 -38.37
N ASP B 64 22.35 -13.50 -37.64
CA ASP B 64 22.80 -12.17 -38.03
C ASP B 64 24.07 -11.77 -37.28
N ALA B 65 25.18 -11.70 -38.00
CA ALA B 65 26.50 -11.59 -37.39
C ALA B 65 26.81 -10.14 -37.00
N GLN B 66 26.14 -9.21 -37.68
CA GLN B 66 26.40 -7.78 -37.45
C GLN B 66 25.94 -7.35 -36.06
N ARG B 67 24.91 -8.02 -35.55
CA ARG B 67 24.19 -7.55 -34.38
C ARG B 67 24.52 -8.40 -33.16
N ASP B 68 24.79 -9.68 -33.38
CA ASP B 68 24.80 -10.67 -32.31
C ASP B 68 26.17 -10.77 -31.67
N SER B 69 26.23 -11.35 -30.47
CA SER B 69 27.34 -11.14 -29.56
C SER B 69 27.40 -12.23 -28.50
N GLU B 70 28.56 -12.86 -28.36
CA GLU B 70 28.88 -13.64 -27.17
C GLU B 70 28.50 -12.90 -25.89
N GLU B 71 28.87 -11.62 -25.84
CA GLU B 71 28.64 -10.80 -24.63
C GLU B 71 27.13 -10.77 -24.36
N SER B 72 26.36 -10.56 -25.41
CA SER B 72 24.90 -10.69 -25.33
C SER B 72 24.35 -12.04 -25.03
N TYR B 73 24.89 -13.05 -25.69
CA TYR B 73 24.55 -14.41 -25.35
C TYR B 73 24.76 -14.73 -23.87
N LEU B 74 25.95 -14.43 -23.38
CA LEU B 74 26.30 -14.69 -21.99
C LEU B 74 25.36 -13.94 -21.03
N ALA B 75 24.98 -12.74 -21.42
CA ALA B 75 24.11 -11.90 -20.59
C ALA B 75 22.69 -12.47 -20.56
N LEU B 76 22.20 -12.88 -21.72
CA LEU B 76 20.92 -13.58 -21.80
C LEU B 76 20.85 -14.72 -20.79
N LEU B 77 21.85 -15.60 -20.83
CA LEU B 77 21.79 -16.84 -20.06
C LEU B 77 21.92 -16.58 -18.57
N ASP B 78 22.68 -15.55 -18.22
CA ASP B 78 22.83 -15.15 -16.83
C ASP B 78 21.55 -14.53 -16.28
N ALA B 79 20.86 -13.77 -17.12
CA ALA B 79 19.57 -13.20 -16.77
C ALA B 79 18.57 -14.29 -16.36
N LEU B 80 18.39 -15.27 -17.24
CA LEU B 80 17.40 -16.31 -17.03
C LEU B 80 17.67 -17.09 -15.74
N ARG B 81 18.95 -17.30 -15.46
CA ARG B 81 19.35 -18.16 -14.35
C ARG B 81 19.30 -17.40 -13.03
N TRP B 82 19.63 -16.11 -13.07
CA TRP B 82 19.41 -15.22 -11.93
C TRP B 82 17.94 -15.22 -11.51
N LEU B 83 17.05 -15.13 -12.50
CA LEU B 83 15.62 -15.13 -12.25
C LEU B 83 15.15 -16.48 -11.75
N GLY B 84 15.99 -17.51 -11.94
CA GLY B 84 15.67 -18.85 -11.49
C GLY B 84 14.78 -19.60 -12.46
N LEU B 85 14.75 -19.13 -13.70
CA LEU B 85 14.23 -19.92 -14.81
C LEU B 85 15.26 -20.93 -15.30
N ASP B 86 14.78 -22.00 -15.94
CA ASP B 86 15.65 -22.96 -16.56
C ASP B 86 15.11 -23.20 -17.94
N TRP B 87 15.76 -24.09 -18.69
CA TRP B 87 15.14 -24.51 -19.94
C TRP B 87 15.29 -26.00 -20.18
N ASP B 88 14.33 -26.55 -20.92
CA ASP B 88 14.26 -28.00 -21.15
C ASP B 88 15.02 -28.53 -22.38
N GLU B 89 15.03 -27.68 -23.40
CA GLU B 89 15.81 -27.85 -24.62
C GLU B 89 16.49 -26.55 -24.96
N GLY B 90 17.71 -26.62 -25.44
CA GLY B 90 18.39 -25.39 -25.74
C GLY B 90 19.89 -25.50 -25.66
N PRO B 91 20.58 -24.38 -25.55
CA PRO B 91 22.01 -24.41 -25.22
C PRO B 91 22.35 -25.33 -24.07
N GLU B 92 23.42 -26.08 -24.24
CA GLU B 92 23.97 -26.93 -23.20
C GLU B 92 23.26 -28.25 -23.08
N VAL B 93 21.96 -28.22 -22.88
CA VAL B 93 21.22 -29.44 -22.62
C VAL B 93 20.87 -30.16 -23.89
N GLY B 94 20.79 -29.43 -24.98
CA GLY B 94 20.49 -30.01 -26.24
C GLY B 94 19.03 -30.36 -26.26
N GLY B 95 18.72 -31.52 -26.80
CA GLY B 95 17.34 -31.90 -27.01
C GLY B 95 17.08 -32.53 -28.37
N PRO B 96 15.88 -33.02 -28.58
CA PRO B 96 15.62 -33.94 -29.67
C PRO B 96 15.45 -33.29 -31.04
N TYR B 97 15.27 -31.97 -31.03
CA TYR B 97 14.99 -31.15 -32.24
C TYR B 97 16.04 -30.11 -32.56
N GLY B 98 17.30 -30.42 -32.20
CA GLY B 98 18.40 -29.54 -32.44
C GLY B 98 18.87 -29.56 -33.90
N PRO B 99 19.94 -28.77 -34.19
CA PRO B 99 20.57 -27.92 -33.15
C PRO B 99 19.76 -26.70 -32.75
N TYR B 100 20.07 -26.08 -31.61
CA TYR B 100 19.21 -24.98 -31.15
C TYR B 100 19.76 -23.58 -31.33
N ARG B 101 20.95 -23.43 -31.96
CA ARG B 101 21.33 -22.16 -32.63
C ARG B 101 21.01 -22.14 -34.11
N GLN B 102 20.32 -21.10 -34.57
CA GLN B 102 19.93 -20.98 -35.96
C GLN B 102 21.16 -20.87 -36.86
N SER B 103 22.31 -20.58 -36.25
CA SER B 103 23.55 -20.41 -37.00
C SER B 103 24.12 -21.76 -37.44
N GLN B 104 23.64 -22.84 -36.82
CA GLN B 104 24.16 -24.17 -37.09
C GLN B 104 23.27 -24.91 -38.09
N ARG B 105 22.29 -24.20 -38.64
CA ARG B 105 21.06 -24.83 -39.12
C ARG B 105 20.88 -24.60 -40.61
N ALA B 106 21.93 -24.11 -41.27
CA ALA B 106 21.79 -23.51 -42.59
C ALA B 106 21.32 -24.53 -43.62
N GLU B 107 21.78 -25.77 -43.46
CA GLU B 107 21.44 -26.82 -44.40
C GLU B 107 19.96 -27.20 -44.29
N ILE B 108 19.38 -27.02 -43.11
CA ILE B 108 17.97 -27.27 -42.90
C ILE B 108 17.12 -26.25 -43.65
N TYR B 109 17.49 -24.98 -43.55
CA TYR B 109 16.80 -23.91 -44.26
C TYR B 109 16.93 -24.08 -45.76
N ARG B 110 18.13 -24.44 -46.21
CA ARG B 110 18.27 -24.70 -47.65
CA ARG B 110 18.25 -24.73 -47.69
C ARG B 110 17.45 -25.76 -48.05
N ASP B 111 17.26 -26.84 -47.30
CA ASP B 111 16.45 -27.95 -47.75
C ASP B 111 14.98 -27.57 -47.84
N VAL B 112 14.50 -26.83 -46.85
CA VAL B 112 13.10 -26.44 -46.78
C VAL B 112 12.73 -25.47 -47.90
N LEU B 113 13.65 -24.56 -48.22
CA LEU B 113 13.47 -23.63 -49.32
C LEU B 113 13.35 -24.37 -50.65
N ALA B 114 14.21 -25.37 -50.84
CA ALA B 114 14.17 -26.19 -52.04
C ALA B 114 12.82 -26.90 -52.19
N ARG B 115 12.28 -27.39 -51.08
CA ARG B 115 11.03 -28.13 -51.08
C ARG B 115 9.86 -27.21 -51.40
N LEU B 116 9.92 -25.97 -50.91
CA LEU B 116 8.89 -24.99 -51.18
C LEU B 116 8.85 -24.61 -52.65
N LEU B 117 10.03 -24.42 -53.24
CA LEU B 117 10.14 -24.08 -54.64
C LEU B 117 9.64 -25.21 -55.54
N ALA B 118 10.06 -26.44 -55.21
CA ALA B 118 9.70 -27.61 -55.99
C ALA B 118 8.19 -27.80 -56.00
N ALA B 119 7.53 -27.43 -54.91
CA ALA B 119 6.10 -27.63 -54.76
C ALA B 119 5.31 -26.43 -55.26
N GLY B 120 6.02 -25.35 -55.56
CA GLY B 120 5.41 -24.16 -56.13
C GLY B 120 4.73 -23.29 -55.07
N GLU B 121 5.12 -23.50 -53.81
CA GLU B 121 4.63 -22.65 -52.70
C GLU B 121 5.34 -21.35 -52.73
N ALA B 122 6.58 -21.41 -53.22
CA ALA B 122 7.43 -20.21 -53.40
C ALA B 122 8.02 -20.14 -54.78
N TYR B 123 8.49 -18.92 -55.11
CA TYR B 123 8.96 -18.67 -56.50
C TYR B 123 10.17 -17.75 -56.44
N HIS B 124 10.99 -17.78 -57.48
CA HIS B 124 12.04 -16.77 -57.55
C HIS B 124 11.54 -15.44 -58.15
N ALA B 125 11.76 -14.35 -57.40
CA ALA B 125 11.26 -12.98 -57.73
C ALA B 125 12.46 -12.12 -58.05
N PHE B 126 12.31 -11.29 -59.09
CA PHE B 126 13.39 -10.43 -59.53
C PHE B 126 13.01 -8.97 -59.30
N SER B 127 11.75 -8.69 -58.97
CA SER B 127 11.34 -7.31 -58.70
C SER B 127 11.69 -6.84 -57.30
N THR B 128 11.69 -5.53 -57.06
CA THR B 128 11.83 -5.04 -55.70
C THR B 128 10.52 -5.06 -54.86
N PRO B 129 10.65 -4.90 -53.54
CA PRO B 129 9.66 -5.43 -52.60
C PRO B 129 8.45 -4.51 -52.47
N GLU B 130 7.32 -4.92 -53.03
CA GLU B 130 6.10 -4.15 -52.94
C GLU B 130 6.11 -3.63 -51.51
N GLU B 131 5.95 -2.32 -51.36
CA GLU B 131 5.40 -1.66 -50.18
C GLU B 131 4.16 -0.84 -50.53
N VAL B 132 3.22 -0.79 -49.60
CA VAL B 132 1.86 -0.39 -49.91
C VAL B 132 1.76 1.10 -50.21
N GLU B 133 2.86 1.81 -49.95
CA GLU B 133 2.91 3.25 -50.20
C GLU B 133 2.21 3.62 -51.50
N ALA B 134 2.32 2.72 -52.49
CA ALA B 134 1.71 2.96 -53.79
C ALA B 134 1.35 1.66 -54.48
N ARG B 135 0.06 1.52 -54.80
CA ARG B 135 -0.42 0.32 -55.48
C ARG B 135 -1.40 0.68 -56.60
N HIS B 136 -1.79 -0.33 -57.37
CA HIS B 136 -2.69 -0.12 -58.51
C HIS B 136 -4.04 -0.76 -58.25
N VAL B 137 -5.11 0.00 -58.55
CA VAL B 137 -6.46 -0.46 -58.28
C VAL B 137 -6.62 -1.95 -58.60
N ALA B 138 -6.91 -2.74 -57.57
CA ALA B 138 -7.57 -4.03 -57.75
C ALA B 138 -8.82 -3.89 -58.62
N ALA B 139 -9.16 -4.95 -59.34
CA ALA B 139 -10.19 -4.89 -60.35
C ALA B 139 -11.37 -5.49 -59.61
N GLY B 140 -12.24 -4.63 -59.09
CA GLY B 140 -13.52 -5.06 -58.55
C GLY B 140 -14.48 -3.93 -58.85
N ARG B 141 -15.77 -4.17 -58.58
CA ARG B 141 -16.78 -3.13 -58.75
C ARG B 141 -16.54 -1.97 -57.80
N ASN B 142 -16.28 -2.28 -56.54
CA ASN B 142 -15.72 -1.31 -55.61
C ASN B 142 -14.20 -1.23 -55.72
N PRO B 143 -13.72 -0.31 -56.56
CA PRO B 143 -12.28 -0.10 -56.72
C PRO B 143 -11.56 -0.09 -55.38
N LYS B 144 -10.58 -0.99 -55.21
CA LYS B 144 -9.69 -0.95 -54.06
C LYS B 144 -8.24 -1.14 -54.47
N LEU B 145 -7.33 -0.68 -53.62
CA LEU B 145 -5.90 -0.86 -53.86
C LEU B 145 -5.46 -2.29 -53.54
N GLY B 146 -4.55 -2.83 -54.35
CA GLY B 146 -4.04 -4.16 -54.15
C GLY B 146 -2.58 -4.29 -54.52
N TYR B 147 -2.00 -5.45 -54.21
CA TYR B 147 -0.66 -5.77 -54.66
C TYR B 147 -0.60 -6.51 -55.99
N ASP B 148 0.48 -6.32 -56.73
CA ASP B 148 0.58 -6.89 -58.07
C ASP B 148 1.06 -8.35 -58.03
N ASN B 149 2.15 -8.57 -57.30
CA ASN B 149 2.81 -9.88 -57.20
C ASN B 149 3.14 -10.38 -58.64
N PHE B 150 3.58 -9.45 -59.49
CA PHE B 150 3.79 -9.77 -60.93
C PHE B 150 4.69 -10.95 -61.23
N ASP B 151 5.76 -11.09 -60.44
CA ASP B 151 6.73 -12.15 -60.71
C ASP B 151 6.25 -13.62 -60.49
N ARG B 152 5.09 -13.78 -59.91
CA ARG B 152 4.38 -15.06 -59.91
C ARG B 152 4.25 -15.63 -61.30
N HIS B 153 4.20 -14.75 -62.28
CA HIS B 153 3.83 -15.15 -63.63
C HIS B 153 4.95 -15.22 -64.62
N LEU B 154 6.16 -14.92 -64.16
CA LEU B 154 7.29 -15.13 -65.05
C LEU B 154 7.39 -16.60 -65.59
N THR B 155 7.71 -16.72 -66.89
CA THR B 155 7.90 -18.01 -67.56
C THR B 155 9.30 -18.56 -67.21
N ASP B 156 9.47 -19.89 -67.19
CA ASP B 156 10.84 -20.43 -67.00
C ASP B 156 11.86 -19.73 -67.94
N ALA B 157 11.45 -19.53 -69.18
CA ALA B 157 12.30 -18.82 -70.18
C ALA B 157 12.69 -17.40 -69.70
N GLN B 158 11.75 -16.59 -69.19
CA GLN B 158 12.13 -15.28 -68.69
C GLN B 158 13.12 -15.35 -67.53
N ARG B 159 12.90 -16.28 -66.61
CA ARG B 159 13.75 -16.42 -65.44
C ARG B 159 15.16 -16.81 -65.85
N ALA B 160 15.27 -17.61 -66.89
CA ALA B 160 16.60 -18.17 -67.28
C ALA B 160 17.35 -17.00 -67.92
N ALA B 161 16.66 -16.28 -68.80
CA ALA B 161 17.21 -15.05 -69.38
C ALA B 161 17.74 -14.12 -68.29
N TYR B 162 16.92 -13.88 -67.28
CA TYR B 162 17.27 -12.94 -66.22
C TYR B 162 18.54 -13.38 -65.49
N LEU B 163 18.66 -14.69 -65.25
CA LEU B 163 19.84 -15.23 -64.60
C LEU B 163 21.08 -15.05 -65.46
N ALA B 164 20.97 -15.35 -66.74
CA ALA B 164 22.04 -15.11 -67.69
C ALA B 164 22.52 -13.66 -67.63
N GLU B 165 21.58 -12.74 -67.38
CA GLU B 165 21.88 -11.32 -67.40
C GLU B 165 22.54 -10.88 -66.10
N GLY B 166 22.60 -11.80 -65.14
CA GLY B 166 23.34 -11.56 -63.91
C GLY B 166 22.45 -11.10 -62.78
N ARG B 167 21.15 -11.16 -62.99
CA ARG B 167 20.16 -10.68 -61.99
C ARG B 167 20.10 -11.71 -60.86
N GLN B 168 19.99 -11.28 -59.59
CA GLN B 168 19.95 -12.28 -58.49
C GLN B 168 18.62 -12.25 -57.78
N PRO B 169 17.78 -13.26 -57.93
CA PRO B 169 16.42 -13.25 -57.37
C PRO B 169 16.42 -13.50 -55.87
N VAL B 170 15.36 -13.05 -55.19
CA VAL B 170 14.97 -13.65 -53.92
C VAL B 170 13.88 -14.70 -54.11
N VAL B 171 13.74 -15.58 -53.13
CA VAL B 171 12.57 -16.44 -53.04
C VAL B 171 11.45 -15.77 -52.25
N ARG B 172 10.26 -15.71 -52.83
CA ARG B 172 9.08 -15.24 -52.13
C ARG B 172 8.03 -16.34 -51.97
N LEU B 173 7.33 -16.33 -50.85
CA LEU B 173 6.17 -17.20 -50.66
C LEU B 173 4.94 -16.62 -51.34
N ARG B 174 4.22 -17.46 -52.08
N ARG B 174 4.22 -17.46 -52.08
CA ARG B 174 2.96 -17.08 -52.69
CA ARG B 174 2.96 -17.07 -52.67
C ARG B 174 1.90 -17.09 -51.60
C ARG B 174 1.90 -17.09 -51.60
N MET B 175 1.32 -15.93 -51.30
CA MET B 175 0.24 -15.84 -50.32
C MET B 175 -1.06 -16.42 -50.88
N PRO B 176 -1.84 -17.08 -50.03
CA PRO B 176 -3.11 -17.67 -50.48
C PRO B 176 -4.11 -16.57 -50.77
N ASP B 177 -5.05 -16.90 -51.64
CA ASP B 177 -6.22 -16.09 -51.93
C ASP B 177 -7.32 -16.48 -50.97
N ASP B 178 -7.15 -16.16 -49.72
CA ASP B 178 -8.30 -16.20 -48.80
C ASP B 178 -7.91 -15.43 -47.59
N ASP B 179 -8.88 -15.17 -46.72
CA ASP B 179 -8.63 -14.42 -45.50
C ASP B 179 -7.75 -15.20 -44.53
N LEU B 180 -6.73 -14.55 -44.00
CA LEU B 180 -5.90 -15.13 -42.96
C LEU B 180 -6.21 -14.54 -41.60
N ALA B 181 -6.84 -15.34 -40.74
CA ALA B 181 -7.09 -14.93 -39.36
C ALA B 181 -6.51 -15.94 -38.37
N TRP B 182 -6.46 -15.55 -37.10
CA TRP B 182 -6.28 -16.51 -36.01
C TRP B 182 -6.92 -16.02 -34.72
N ASN B 183 -7.19 -16.95 -33.82
CA ASN B 183 -7.78 -16.62 -32.52
C ASN B 183 -6.71 -16.39 -31.45
N ASP B 184 -6.11 -15.20 -31.47
CA ASP B 184 -5.04 -14.87 -30.53
C ASP B 184 -5.50 -15.09 -29.09
N LEU B 185 -4.66 -15.77 -28.30
CA LEU B 185 -5.03 -16.15 -26.94
C LEU B 185 -5.11 -14.93 -26.04
N VAL B 186 -4.50 -13.83 -26.47
CA VAL B 186 -4.58 -12.57 -25.76
C VAL B 186 -5.52 -11.59 -26.46
N ARG B 187 -5.37 -11.47 -27.77
CA ARG B 187 -5.95 -10.37 -28.52
C ARG B 187 -7.34 -10.71 -29.04
N GLY B 188 -7.71 -11.98 -28.92
CA GLY B 188 -8.88 -12.51 -29.61
C GLY B 188 -8.66 -12.66 -31.10
N PRO B 189 -9.76 -12.88 -31.83
CA PRO B 189 -9.71 -12.98 -33.29
C PRO B 189 -8.97 -11.80 -33.90
N VAL B 190 -8.02 -12.08 -34.78
CA VAL B 190 -7.47 -11.06 -35.67
C VAL B 190 -7.57 -11.48 -37.13
N THR B 191 -8.01 -10.68 -38.07
N THR B 191 -7.92 -10.65 -38.07
CA THR B 191 -8.16 -11.04 -39.49
CA THR B 191 -8.15 -11.02 -39.46
C THR B 191 -7.39 -10.11 -40.39
C THR B 191 -7.47 -10.09 -40.45
N PHE B 192 -6.75 -10.57 -41.33
CA PHE B 192 -6.21 -9.97 -42.56
C PHE B 192 -6.93 -10.50 -43.79
N ALA B 193 -7.71 -9.64 -44.44
CA ALA B 193 -8.56 -10.05 -45.54
C ALA B 193 -7.72 -10.41 -46.78
N ALA B 194 -8.30 -11.23 -47.65
CA ALA B 194 -7.59 -11.69 -48.84
C ALA B 194 -7.05 -10.52 -49.65
N GLY B 195 -5.73 -10.49 -49.83
CA GLY B 195 -5.11 -9.55 -50.73
C GLY B 195 -4.29 -8.50 -50.00
N SER B 196 -4.41 -8.48 -48.67
CA SER B 196 -3.92 -7.36 -47.88
C SER B 196 -2.46 -7.58 -47.48
N VAL B 197 -1.92 -8.74 -47.81
CA VAL B 197 -0.51 -9.03 -47.58
C VAL B 197 0.18 -9.49 -48.85
N PRO B 198 1.19 -8.74 -49.28
CA PRO B 198 1.99 -9.10 -50.45
C PRO B 198 2.71 -10.42 -50.25
N ASP B 199 3.00 -11.12 -51.33
CA ASP B 199 4.06 -12.12 -51.34
C ASP B 199 5.37 -11.57 -50.76
N PHE B 200 5.90 -12.26 -49.75
CA PHE B 200 7.04 -11.76 -49.01
C PHE B 200 8.30 -12.60 -49.23
N ALA B 201 9.45 -11.96 -49.20
CA ALA B 201 10.73 -12.66 -49.37
C ALA B 201 11.04 -13.58 -48.16
N LEU B 202 11.54 -14.79 -48.49
CA LEU B 202 12.09 -15.78 -47.53
C LEU B 202 13.63 -15.69 -47.51
N THR B 203 14.23 -15.08 -48.56
CA THR B 203 15.67 -14.93 -48.62
C THR B 203 16.11 -13.56 -49.06
N ARG B 204 17.43 -13.29 -48.86
CA ARG B 204 18.03 -12.08 -49.48
C ARG B 204 18.74 -12.57 -50.77
N ALA B 205 19.15 -11.65 -51.62
CA ALA B 205 19.76 -12.01 -52.93
C ALA B 205 20.96 -12.94 -52.89
N SER B 206 21.69 -12.87 -51.78
CA SER B 206 22.80 -13.79 -51.50
C SER B 206 22.37 -15.25 -51.35
N GLY B 207 21.05 -15.45 -51.19
CA GLY B 207 20.49 -16.79 -50.94
C GLY B 207 20.20 -17.00 -49.45
N ASP B 208 20.65 -16.07 -48.62
CA ASP B 208 20.62 -16.40 -47.17
C ASP B 208 19.19 -16.25 -46.69
N PRO B 209 18.74 -17.16 -45.79
CA PRO B 209 17.32 -17.07 -45.36
C PRO B 209 17.14 -15.90 -44.42
N LEU B 210 15.94 -15.32 -44.47
CA LEU B 210 15.48 -14.32 -43.52
C LEU B 210 14.66 -14.94 -42.34
N TYR B 211 14.41 -14.11 -41.33
N TYR B 211 14.41 -14.09 -41.32
CA TYR B 211 13.63 -14.56 -40.19
CA TYR B 211 13.52 -14.37 -40.15
C TYR B 211 12.22 -14.99 -40.62
C TYR B 211 12.21 -14.97 -40.62
N THR B 212 11.72 -14.43 -41.75
CA THR B 212 10.45 -14.85 -42.29
C THR B 212 10.39 -16.36 -42.64
N LEU B 213 11.56 -16.96 -43.00
CA LEU B 213 11.68 -18.36 -43.20
C LEU B 213 12.08 -19.01 -41.87
N VAL B 214 13.17 -18.53 -41.28
CA VAL B 214 13.77 -19.38 -40.26
C VAL B 214 12.94 -19.53 -39.00
N ASN B 215 12.17 -18.52 -38.64
CA ASN B 215 11.30 -18.54 -37.42
C ASN B 215 10.14 -19.51 -37.55
N PRO B 216 9.24 -19.38 -38.57
CA PRO B 216 8.29 -20.46 -38.68
C PRO B 216 8.86 -21.83 -39.01
N CYS B 217 9.86 -21.91 -39.89
CA CYS B 217 10.58 -23.15 -40.11
C CYS B 217 10.86 -23.86 -38.80
N ASP B 218 11.53 -23.17 -37.88
CA ASP B 218 12.07 -23.81 -36.68
C ASP B 218 10.96 -24.06 -35.65
N ASP B 219 9.96 -23.20 -35.65
CA ASP B 219 8.74 -23.44 -34.88
C ASP B 219 8.06 -24.73 -35.34
N ALA B 220 7.80 -24.83 -36.63
CA ALA B 220 7.30 -26.07 -37.23
C ALA B 220 8.16 -27.26 -36.82
N LEU B 221 9.47 -27.11 -36.98
CA LEU B 221 10.39 -28.24 -36.92
C LEU B 221 10.64 -28.67 -35.48
N MET B 222 10.48 -27.73 -34.55
CA MET B 222 10.69 -28.02 -33.13
C MET B 222 9.36 -28.26 -32.45
N LYS B 223 8.33 -28.40 -33.28
CA LYS B 223 6.98 -28.87 -32.83
C LYS B 223 6.34 -27.90 -31.81
N ILE B 224 6.57 -26.60 -32.02
CA ILE B 224 6.04 -25.56 -31.09
C ILE B 224 4.53 -25.57 -31.25
N THR B 225 3.81 -25.50 -30.15
CA THR B 225 2.36 -25.57 -30.15
C THR B 225 1.81 -24.22 -29.87
N HIS B 226 2.54 -23.41 -29.08
CA HIS B 226 2.07 -22.05 -28.72
C HIS B 226 3.20 -21.09 -28.83
N VAL B 227 2.99 -20.05 -29.63
CA VAL B 227 3.86 -18.91 -29.85
C VAL B 227 3.45 -17.72 -29.00
N LEU B 228 4.19 -17.43 -27.92
CA LEU B 228 3.86 -16.32 -26.97
C LEU B 228 4.95 -15.30 -27.19
N ARG B 229 4.57 -14.14 -27.71
CA ARG B 229 5.60 -13.14 -28.11
C ARG B 229 5.06 -11.77 -28.07
N GLY B 230 5.91 -10.77 -28.16
CA GLY B 230 5.46 -9.40 -28.01
C GLY B 230 4.49 -8.98 -29.09
N GLU B 231 3.51 -8.12 -28.79
CA GLU B 231 2.58 -7.71 -29.83
C GLU B 231 3.21 -6.85 -30.93
N ASP B 232 4.41 -6.34 -30.69
CA ASP B 232 5.12 -5.67 -31.77
C ASP B 232 5.37 -6.56 -32.97
N LEU B 233 5.38 -7.86 -32.75
CA LEU B 233 5.56 -8.85 -33.82
C LEU B 233 4.22 -9.28 -34.47
N LEU B 234 3.10 -8.84 -33.91
CA LEU B 234 1.80 -9.31 -34.41
C LEU B 234 1.62 -9.19 -35.97
N PRO B 235 2.05 -8.10 -36.64
CA PRO B 235 1.88 -8.08 -38.12
C PRO B 235 2.61 -9.18 -38.92
N SER B 236 3.61 -9.82 -38.33
CA SER B 236 4.27 -10.96 -39.00
C SER B 236 3.34 -12.21 -39.07
N THR B 237 2.34 -12.24 -38.18
CA THR B 237 1.55 -13.46 -37.99
C THR B 237 0.87 -13.93 -39.27
N PRO B 238 0.22 -13.04 -40.03
CA PRO B 238 -0.35 -13.62 -41.29
C PRO B 238 0.66 -14.19 -42.27
N ARG B 239 1.83 -13.58 -42.42
N ARG B 239 1.89 -13.65 -42.38
CA ARG B 239 2.92 -14.20 -43.16
CA ARG B 239 2.98 -14.28 -43.13
C ARG B 239 3.24 -15.60 -42.62
C ARG B 239 3.30 -15.66 -42.59
N GLN B 240 3.26 -15.75 -41.28
CA GLN B 240 3.81 -16.93 -40.63
C GLN B 240 2.75 -18.03 -40.64
N LEU B 241 1.49 -17.60 -40.57
CA LEU B 241 0.36 -18.47 -40.86
C LEU B 241 0.49 -19.10 -42.25
N ALA B 242 0.57 -18.26 -43.27
CA ALA B 242 0.78 -18.74 -44.65
C ALA B 242 1.95 -19.71 -44.81
N LEU B 243 3.08 -19.41 -44.16
CA LEU B 243 4.23 -20.32 -44.30
C LEU B 243 3.92 -21.64 -43.56
N HIS B 244 3.45 -21.57 -42.31
CA HIS B 244 3.08 -22.76 -41.56
C HIS B 244 2.15 -23.66 -42.37
N GLN B 245 1.22 -23.03 -43.08
CA GLN B 245 0.23 -23.77 -43.87
C GLN B 245 0.89 -24.48 -45.04
N ALA B 246 1.85 -23.82 -45.67
CA ALA B 246 2.59 -24.40 -46.79
C ALA B 246 3.51 -25.51 -46.32
N LEU B 247 4.11 -25.33 -45.14
CA LEU B 247 4.96 -26.35 -44.52
C LEU B 247 4.21 -27.63 -44.19
N ILE B 248 2.95 -27.50 -43.83
CA ILE B 248 2.11 -28.69 -43.69
C ILE B 248 1.93 -29.34 -45.06
N ARG B 249 1.65 -28.54 -46.08
CA ARG B 249 1.40 -29.05 -47.42
C ARG B 249 2.59 -29.86 -47.94
N ILE B 250 3.80 -29.40 -47.61
CA ILE B 250 5.01 -30.00 -48.14
C ILE B 250 5.62 -30.98 -47.14
N GLY B 251 4.97 -31.13 -46.00
CA GLY B 251 5.20 -32.27 -45.13
C GLY B 251 6.22 -31.98 -44.04
N VAL B 252 6.66 -30.73 -43.97
CA VAL B 252 7.63 -30.32 -42.97
C VAL B 252 6.97 -30.08 -41.61
N ALA B 253 5.70 -29.69 -41.64
CA ALA B 253 4.97 -29.33 -40.43
C ALA B 253 3.75 -30.22 -40.23
N GLU B 254 3.27 -30.29 -38.99
CA GLU B 254 2.12 -31.12 -38.67
C GLU B 254 0.87 -30.27 -38.41
N ARG B 255 0.99 -29.34 -37.47
CA ARG B 255 -0.14 -28.51 -37.09
C ARG B 255 0.20 -27.03 -37.21
N ILE B 256 -0.81 -26.18 -37.05
CA ILE B 256 -0.59 -24.74 -36.98
C ILE B 256 -0.50 -24.39 -35.52
N PRO B 257 0.56 -23.66 -35.11
CA PRO B 257 0.58 -23.26 -33.68
C PRO B 257 -0.53 -22.22 -33.33
N LYS B 258 -0.84 -22.15 -32.06
CA LYS B 258 -1.56 -21.00 -31.50
C LYS B 258 -0.63 -19.84 -31.29
N PHE B 259 -1.15 -18.59 -31.38
CA PHE B 259 -0.41 -17.35 -31.08
C PHE B 259 -1.00 -16.59 -29.89
N ALA B 260 -0.15 -15.90 -29.15
CA ALA B 260 -0.59 -15.09 -28.01
C ALA B 260 0.32 -13.88 -27.81
N HIS B 261 -0.17 -12.71 -28.21
CA HIS B 261 0.69 -11.55 -28.41
C HIS B 261 0.64 -10.60 -27.22
N LEU B 262 1.76 -10.47 -26.53
CA LEU B 262 1.78 -9.85 -25.21
C LEU B 262 1.85 -8.33 -25.32
N PRO B 263 1.10 -7.65 -24.46
CA PRO B 263 1.09 -6.18 -24.44
C PRO B 263 2.49 -5.60 -24.33
N THR B 264 2.97 -4.95 -25.39
CA THR B 264 4.12 -4.08 -25.30
C THR B 264 4.01 -3.14 -24.10
N VAL B 265 5.09 -3.04 -23.30
CA VAL B 265 5.06 -2.28 -22.06
C VAL B 265 5.29 -0.79 -22.32
N LEU B 266 4.56 0.08 -21.65
CA LEU B 266 4.43 1.47 -22.06
C LEU B 266 5.11 2.40 -21.06
N GLY B 267 5.92 3.33 -21.61
CA GLY B 267 6.67 4.31 -20.85
C GLY B 267 5.79 5.27 -20.14
N GLU B 268 6.12 6.55 -20.19
CA GLU B 268 5.15 7.58 -19.83
C GLU B 268 4.42 7.98 -21.08
N GLY B 269 5.17 7.99 -22.17
CA GLY B 269 4.57 8.21 -23.45
C GLY B 269 3.83 6.91 -23.70
N THR B 270 3.31 6.77 -24.91
CA THR B 270 2.52 5.60 -25.26
C THR B 270 3.39 4.50 -25.85
N LYS B 271 4.70 4.66 -25.72
CA LYS B 271 5.65 3.97 -26.58
C LYS B 271 6.25 2.75 -25.88
N LYS B 272 6.71 1.80 -26.68
CA LYS B 272 7.58 0.74 -26.18
C LYS B 272 8.70 1.31 -25.31
N LEU B 273 8.67 0.97 -24.02
CA LEU B 273 9.70 1.43 -23.09
C LEU B 273 11.09 1.45 -23.71
N SER B 274 11.71 2.64 -23.71
CA SER B 274 12.87 2.90 -24.55
C SER B 274 14.10 2.15 -24.05
N LYS B 275 14.87 1.60 -24.97
CA LYS B 275 16.13 0.94 -24.63
C LYS B 275 17.19 1.95 -24.20
N ARG B 276 16.88 3.23 -24.40
CA ARG B 276 17.57 4.30 -23.69
C ARG B 276 17.20 4.30 -22.21
N ASP B 277 15.93 4.04 -21.91
CA ASP B 277 15.42 4.15 -20.53
C ASP B 277 16.16 3.18 -19.63
N PRO B 278 16.73 3.71 -18.52
CA PRO B 278 17.35 2.85 -17.53
C PRO B 278 16.41 1.77 -16.97
N GLN B 279 15.13 2.10 -16.84
CA GLN B 279 14.08 1.20 -16.40
C GLN B 279 13.98 -0.04 -17.22
N SER B 280 14.40 0.05 -18.48
CA SER B 280 14.30 -1.13 -19.33
C SER B 280 15.37 -2.23 -19.10
N ASN B 281 16.50 -1.90 -18.49
CA ASN B 281 17.56 -2.85 -18.35
C ASN B 281 17.39 -3.69 -17.12
N LEU B 282 17.35 -5.01 -17.29
CA LEU B 282 17.19 -5.91 -16.15
C LEU B 282 18.36 -5.75 -15.21
N PHE B 283 19.54 -5.63 -15.77
CA PHE B 283 20.71 -5.56 -14.92
C PHE B 283 20.83 -4.24 -14.11
N ALA B 284 20.16 -3.15 -14.54
CA ALA B 284 20.02 -1.93 -13.76
C ALA B 284 19.25 -2.18 -12.46
N HIS B 285 18.13 -2.92 -12.57
CA HIS B 285 17.45 -3.38 -11.36
C HIS B 285 18.27 -4.34 -10.48
N ARG B 286 18.89 -5.34 -11.11
CA ARG B 286 19.80 -6.23 -10.43
C ARG B 286 20.86 -5.43 -9.68
N ASP B 287 21.55 -4.53 -10.38
CA ASP B 287 22.68 -3.82 -9.75
C ASP B 287 22.26 -3.00 -8.53
N ARG B 288 21.05 -2.43 -8.58
CA ARG B 288 20.56 -1.58 -7.51
C ARG B 288 20.18 -2.41 -6.28
N GLY B 289 19.96 -3.70 -6.46
CA GLY B 289 19.64 -4.58 -5.35
C GLY B 289 18.18 -4.99 -5.32
N PHE B 290 17.60 -5.15 -6.51
CA PHE B 290 16.47 -6.05 -6.69
C PHE B 290 16.87 -7.50 -6.43
N ILE B 291 15.99 -8.24 -5.77
CA ILE B 291 16.13 -9.69 -5.69
C ILE B 291 15.16 -10.40 -6.62
N PRO B 292 15.53 -11.61 -7.04
CA PRO B 292 14.82 -12.31 -8.12
C PRO B 292 13.33 -12.43 -7.82
N GLU B 293 13.00 -12.77 -6.57
CA GLU B 293 11.60 -12.84 -6.16
C GLU B 293 10.88 -11.52 -6.38
N GLY B 294 11.58 -10.42 -6.11
CA GLY B 294 11.03 -9.10 -6.33
C GLY B 294 10.72 -8.83 -7.79
N LEU B 295 11.72 -9.01 -8.64
CA LEU B 295 11.61 -8.63 -10.04
C LEU B 295 10.68 -9.56 -10.80
N LEU B 296 10.82 -10.86 -10.56
CA LEU B 296 9.87 -11.84 -11.05
C LEU B 296 8.43 -11.39 -10.80
N ASN B 297 8.14 -11.05 -9.55
CA ASN B 297 6.78 -10.72 -9.14
C ASN B 297 6.19 -9.59 -10.00
N TYR B 298 6.98 -8.56 -10.24
CA TYR B 298 6.51 -7.38 -10.95
C TYR B 298 6.36 -7.66 -12.44
N LEU B 299 7.39 -8.26 -13.03
CA LEU B 299 7.35 -8.66 -14.44
C LEU B 299 6.09 -9.44 -14.75
N ALA B 300 5.66 -10.27 -13.80
CA ALA B 300 4.45 -11.06 -13.96
C ALA B 300 3.21 -10.16 -14.03
N LEU B 301 3.33 -8.95 -13.52
CA LEU B 301 2.19 -8.05 -13.39
C LEU B 301 2.06 -7.16 -14.63
N LEU B 302 3.01 -7.29 -15.55
CA LEU B 302 2.96 -6.54 -16.80
C LEU B 302 2.08 -7.26 -17.83
N GLY B 303 0.78 -7.27 -17.57
CA GLY B 303 -0.21 -7.81 -18.54
C GLY B 303 -1.04 -8.89 -17.88
N TRP B 304 -0.85 -9.08 -16.58
CA TRP B 304 -1.40 -10.25 -15.90
C TRP B 304 -1.61 -9.98 -14.41
N SER B 305 -2.61 -10.63 -13.83
CA SER B 305 -2.78 -10.63 -12.38
C SER B 305 -3.21 -12.01 -11.88
N ILE B 306 -2.63 -12.44 -10.76
CA ILE B 306 -2.83 -13.79 -10.27
C ILE B 306 -4.26 -13.92 -9.70
N ALA B 307 -4.80 -12.81 -9.23
CA ALA B 307 -6.08 -12.82 -8.54
C ALA B 307 -6.55 -11.41 -8.25
N ASP B 308 -7.83 -11.28 -7.88
CA ASP B 308 -8.49 -9.98 -7.82
C ASP B 308 -8.33 -9.35 -6.44
N ASP B 309 -7.64 -10.04 -5.55
CA ASP B 309 -7.55 -9.62 -4.12
C ASP B 309 -6.11 -9.36 -3.62
N HIS B 310 -5.10 -9.67 -4.46
CA HIS B 310 -3.65 -9.61 -4.05
C HIS B 310 -2.82 -9.63 -5.27
N ASP B 311 -1.59 -9.10 -5.13
CA ASP B 311 -0.67 -8.97 -6.28
C ASP B 311 0.76 -9.41 -5.94
N LEU B 312 0.95 -9.81 -4.67
CA LEU B 312 2.19 -10.34 -4.08
C LEU B 312 2.25 -11.85 -4.12
N PHE B 313 3.21 -12.38 -4.84
CA PHE B 313 3.31 -13.85 -4.98
C PHE B 313 4.65 -14.30 -5.41
N GLY B 314 4.97 -15.56 -5.15
CA GLY B 314 6.17 -16.22 -5.62
C GLY B 314 5.97 -16.95 -6.93
N LEU B 315 7.11 -17.38 -7.47
CA LEU B 315 7.14 -18.22 -8.71
C LEU B 315 6.25 -19.48 -8.66
N ASP B 316 6.34 -20.31 -7.61
CA ASP B 316 5.51 -21.53 -7.52
C ASP B 316 4.01 -21.17 -7.59
N GLU B 317 3.58 -20.10 -6.94
CA GLU B 317 2.20 -19.69 -7.04
C GLU B 317 1.91 -19.23 -8.51
N MET B 318 2.87 -18.53 -9.09
CA MET B 318 2.74 -18.05 -10.47
C MET B 318 2.52 -19.22 -11.43
N VAL B 319 3.33 -20.26 -11.27
CA VAL B 319 3.23 -21.45 -12.12
C VAL B 319 1.85 -22.11 -11.98
N ALA B 320 1.40 -22.27 -10.74
CA ALA B 320 0.14 -22.93 -10.46
C ALA B 320 -1.03 -22.22 -11.16
N ALA B 321 -0.85 -20.92 -11.39
CA ALA B 321 -1.99 -20.04 -11.67
C ALA B 321 -2.04 -19.65 -13.14
N PHE B 322 -0.88 -19.63 -13.79
CA PHE B 322 -0.68 -18.85 -15.00
C PHE B 322 -1.27 -19.56 -16.21
N ASP B 323 -2.22 -18.92 -16.89
CA ASP B 323 -2.60 -19.30 -18.24
C ASP B 323 -2.68 -18.09 -19.16
N VAL B 324 -1.90 -18.11 -20.23
CA VAL B 324 -1.61 -16.91 -21.01
C VAL B 324 -2.90 -16.31 -21.56
N ALA B 325 -3.95 -17.12 -21.65
CA ALA B 325 -5.25 -16.65 -22.11
C ALA B 325 -5.88 -15.68 -21.11
N ASP B 326 -5.29 -15.60 -19.93
CA ASP B 326 -5.73 -14.64 -18.91
C ASP B 326 -4.96 -13.33 -19.02
N VAL B 327 -3.85 -13.34 -19.75
CA VAL B 327 -3.21 -12.07 -20.03
C VAL B 327 -4.05 -11.03 -20.69
N ASN B 328 -3.94 -9.80 -20.27
CA ASN B 328 -4.86 -8.84 -20.88
C ASN B 328 -4.17 -8.00 -21.97
N SER B 329 -4.94 -7.42 -22.89
CA SER B 329 -4.36 -6.73 -24.03
C SER B 329 -4.20 -5.23 -23.83
N SER B 330 -4.62 -4.76 -22.66
CA SER B 330 -4.45 -3.40 -22.22
C SER B 330 -2.97 -2.90 -22.14
N PRO B 331 -2.76 -1.56 -22.12
CA PRO B 331 -1.50 -0.89 -21.81
C PRO B 331 -0.92 -1.43 -20.54
N ALA B 332 0.32 -1.89 -20.67
CA ALA B 332 1.12 -2.31 -19.54
C ALA B 332 2.23 -1.29 -19.32
N ARG B 333 1.99 -0.32 -18.43
CA ARG B 333 2.94 0.75 -18.13
C ARG B 333 3.96 0.41 -17.02
N PHE B 334 5.23 0.53 -17.36
CA PHE B 334 6.24 0.24 -16.39
C PHE B 334 6.22 1.37 -15.35
N ASP B 335 6.18 0.97 -14.09
CA ASP B 335 5.99 1.83 -12.93
C ASP B 335 7.05 1.47 -11.90
N GLN B 336 8.14 2.23 -11.84
CA GLN B 336 9.25 1.87 -10.92
C GLN B 336 8.85 1.87 -9.43
N LYS B 337 7.95 2.76 -9.07
CA LYS B 337 7.52 2.86 -7.67
C LYS B 337 6.87 1.54 -7.21
N LYS B 338 6.10 0.95 -8.12
CA LYS B 338 5.46 -0.34 -7.88
C LYS B 338 6.47 -1.49 -7.80
N ALA B 339 7.42 -1.50 -8.74
CA ALA B 339 8.42 -2.54 -8.74
C ALA B 339 9.22 -2.42 -7.43
N ASP B 340 9.63 -1.19 -7.13
CA ASP B 340 10.34 -0.92 -5.83
C ASP B 340 9.53 -1.41 -4.65
N ALA B 341 8.22 -1.14 -4.65
CA ALA B 341 7.40 -1.58 -3.51
C ALA B 341 7.26 -3.09 -3.35
N LEU B 342 7.12 -3.81 -4.52
CA LEU B 342 7.02 -5.23 -4.43
C LEU B 342 8.37 -5.82 -4.00
N ASN B 343 9.49 -5.30 -4.51
CA ASN B 343 10.79 -5.88 -4.06
C ASN B 343 11.01 -5.72 -2.54
N ALA B 344 10.68 -4.53 -2.03
CA ALA B 344 10.75 -4.27 -0.60
C ALA B 344 9.96 -5.32 0.19
N GLU B 345 8.73 -5.58 -0.26
CA GLU B 345 7.87 -6.57 0.39
C GLU B 345 8.51 -7.95 0.38
N HIS B 346 9.17 -8.28 -0.74
CA HIS B 346 9.80 -9.58 -0.89
C HIS B 346 11.08 -9.68 -0.07
N ILE B 347 11.75 -8.55 0.09
CA ILE B 347 12.90 -8.46 0.98
C ILE B 347 12.49 -8.70 2.43
N ARG B 348 11.39 -8.14 2.93
N ARG B 348 11.36 -8.15 2.86
CA ARG B 348 10.84 -8.42 4.29
CA ARG B 348 10.82 -8.34 4.21
C ARG B 348 10.48 -9.88 4.49
C ARG B 348 10.20 -9.70 4.53
N MET B 349 10.05 -10.40 3.34
CA MET B 349 9.45 -11.72 3.44
C MET B 349 10.51 -12.78 3.74
N LEU B 350 11.75 -12.50 3.35
CA LEU B 350 12.84 -13.45 3.54
C LEU B 350 13.10 -13.81 4.99
N ASP B 351 13.48 -15.07 5.26
CA ASP B 351 14.03 -15.33 6.61
C ASP B 351 15.28 -14.49 6.85
N VAL B 352 15.46 -14.10 8.10
CA VAL B 352 16.52 -13.15 8.47
C VAL B 352 17.89 -13.64 8.03
N GLY B 353 18.11 -14.95 8.09
CA GLY B 353 19.46 -15.47 7.78
C GLY B 353 19.75 -15.43 6.32
N ASP B 354 18.71 -15.77 5.54
CA ASP B 354 18.76 -15.68 4.09
C ASP B 354 19.01 -14.21 3.66
N PHE B 355 18.18 -13.30 4.13
CA PHE B 355 18.43 -11.90 3.93
C PHE B 355 19.84 -11.46 4.26
N THR B 356 20.36 -11.94 5.37
CA THR B 356 21.69 -11.47 5.89
C THR B 356 22.76 -11.83 4.87
N VAL B 357 22.79 -13.12 4.44
CA VAL B 357 23.72 -13.56 3.41
C VAL B 357 23.57 -12.74 2.13
N ARG B 358 22.34 -12.60 1.60
CA ARG B 358 22.22 -11.78 0.39
C ARG B 358 22.74 -10.34 0.53
N LEU B 359 22.53 -9.75 1.70
CA LEU B 359 22.92 -8.37 1.93
C LEU B 359 24.43 -8.22 2.05
N ARG B 360 25.04 -9.10 2.84
CA ARG B 360 26.50 -9.17 2.92
C ARG B 360 27.12 -9.35 1.54
N ASP B 361 26.60 -10.31 0.78
CA ASP B 361 27.11 -10.60 -0.55
C ASP B 361 27.01 -9.38 -1.47
N HIS B 362 25.90 -8.65 -1.36
CA HIS B 362 25.65 -7.51 -2.22
C HIS B 362 26.58 -6.35 -1.91
N LEU B 363 26.65 -5.99 -0.63
CA LEU B 363 27.63 -5.00 -0.16
C LEU B 363 29.05 -5.40 -0.58
N ASP B 364 29.41 -6.65 -0.30
CA ASP B 364 30.77 -7.11 -0.54
C ASP B 364 31.15 -7.00 -2.00
N THR B 365 30.28 -7.46 -2.88
CA THR B 365 30.58 -7.54 -4.30
C THR B 365 30.54 -6.16 -4.95
N HIS B 366 30.01 -5.19 -4.23
CA HIS B 366 29.94 -3.82 -4.71
C HIS B 366 31.06 -2.97 -4.12
N GLY B 367 31.98 -3.61 -3.42
CA GLY B 367 33.16 -2.94 -2.89
C GLY B 367 32.74 -2.19 -1.62
N HIS B 368 31.65 -2.66 -1.03
CA HIS B 368 31.03 -2.06 0.19
C HIS B 368 30.95 -2.95 1.43
N HIS B 369 32.05 -3.58 1.81
CA HIS B 369 31.97 -4.53 2.88
C HIS B 369 31.76 -3.67 4.11
N ILE B 370 30.94 -4.15 5.01
CA ILE B 370 30.69 -3.51 6.30
C ILE B 370 31.49 -4.18 7.41
N ALA B 371 32.18 -3.37 8.15
CA ALA B 371 33.23 -3.85 9.05
C ALA B 371 32.67 -4.13 10.44
N LEU B 372 31.79 -5.15 10.52
CA LEU B 372 31.23 -5.67 11.72
C LEU B 372 31.42 -7.15 11.65
N ASP B 373 31.52 -7.78 12.80
CA ASP B 373 31.57 -9.22 12.88
C ASP B 373 30.24 -9.89 12.57
N GLU B 374 30.24 -11.20 12.62
CA GLU B 374 29.10 -11.99 12.24
C GLU B 374 27.88 -11.68 13.09
N ALA B 375 28.01 -11.66 14.40
CA ALA B 375 26.85 -11.33 15.25
C ALA B 375 26.40 -9.89 15.04
N ALA B 376 27.35 -8.96 14.93
CA ALA B 376 26.98 -7.58 14.77
C ALA B 376 26.38 -7.30 13.42
N PHE B 377 26.94 -7.90 12.40
CA PHE B 377 26.42 -7.66 11.08
C PHE B 377 25.03 -8.23 10.98
N ALA B 378 24.76 -9.33 11.65
CA ALA B 378 23.44 -9.91 11.56
C ALA B 378 22.40 -9.08 12.31
N ALA B 379 22.77 -8.51 13.46
CA ALA B 379 21.91 -7.53 14.08
C ALA B 379 21.65 -6.33 13.20
N ALA B 380 22.68 -5.87 12.52
CA ALA B 380 22.56 -4.74 11.64
C ALA B 380 21.68 -5.04 10.42
N ALA B 381 21.93 -6.17 9.77
CA ALA B 381 21.03 -6.64 8.75
C ALA B 381 19.53 -6.72 9.16
N GLU B 382 19.23 -7.21 10.34
CA GLU B 382 17.82 -7.23 10.77
C GLU B 382 17.23 -5.86 10.98
N LEU B 383 18.05 -4.93 11.45
CA LEU B 383 17.57 -3.58 11.55
C LEU B 383 17.21 -3.10 10.18
N VAL B 384 18.06 -3.34 9.17
CA VAL B 384 17.76 -2.68 7.86
C VAL B 384 16.79 -3.45 6.97
N GLN B 385 16.52 -4.72 7.29
CA GLN B 385 15.67 -5.55 6.46
C GLN B 385 14.34 -4.87 6.17
N THR B 386 13.88 -4.04 7.10
CA THR B 386 12.55 -3.47 7.04
C THR B 386 12.58 -2.01 6.59
N ARG B 387 13.77 -1.54 6.24
CA ARG B 387 14.00 -0.11 6.08
C ARG B 387 14.65 0.20 4.74
N ILE B 388 14.60 -0.77 3.84
CA ILE B 388 15.08 -0.56 2.47
C ILE B 388 14.07 -1.09 1.45
N VAL B 389 14.21 -0.66 0.21
CA VAL B 389 13.42 -1.20 -0.89
C VAL B 389 14.30 -1.97 -1.87
N VAL B 390 15.59 -1.66 -1.87
CA VAL B 390 16.57 -2.47 -2.59
C VAL B 390 17.83 -2.69 -1.76
N LEU B 391 18.53 -3.79 -2.03
CA LEU B 391 19.72 -4.14 -1.27
C LEU B 391 20.74 -3.01 -1.26
N GLY B 392 20.73 -2.22 -2.33
CA GLY B 392 21.73 -1.12 -2.50
C GLY B 392 21.55 -0.02 -1.43
N ASP B 393 20.34 0.06 -0.86
CA ASP B 393 20.02 1.11 0.10
C ASP B 393 20.74 0.88 1.43
N ALA B 394 21.08 -0.38 1.70
CA ALA B 394 21.82 -0.72 2.90
C ALA B 394 23.06 0.15 3.07
N TRP B 395 23.65 0.53 1.95
CA TRP B 395 25.00 1.11 1.95
C TRP B 395 25.03 2.42 2.71
N GLU B 396 24.18 3.36 2.30
CA GLU B 396 24.10 4.67 2.95
C GLU B 396 23.61 4.53 4.38
N LEU B 397 22.74 3.53 4.64
CA LEU B 397 22.27 3.29 6.00
C LEU B 397 23.36 2.81 6.94
N LEU B 398 24.25 1.97 6.44
CA LEU B 398 25.04 1.09 7.30
C LEU B 398 26.47 1.60 7.45
N LYS B 399 26.87 2.49 6.56
CA LYS B 399 28.27 2.65 6.22
C LYS B 399 29.00 3.52 7.23
N PHE B 400 28.26 4.01 8.22
CA PHE B 400 28.84 4.74 9.33
C PHE B 400 29.51 3.80 10.33
N PHE B 401 29.25 2.50 10.17
CA PHE B 401 29.90 1.50 11.00
C PHE B 401 31.35 1.27 10.57
N ASN B 402 31.70 1.77 9.39
CA ASN B 402 33.09 1.80 8.96
C ASN B 402 33.77 3.12 9.30
N ASP B 403 34.87 3.03 10.04
CA ASP B 403 35.63 4.21 10.44
C ASP B 403 36.07 5.01 9.22
N ASP B 404 36.42 4.31 8.15
CA ASP B 404 36.89 4.96 6.92
C ASP B 404 35.80 5.64 6.10
N GLN B 405 34.53 5.43 6.51
CA GLN B 405 33.41 6.00 5.86
C GLN B 405 32.69 7.05 6.70
N TYR B 406 33.11 7.18 7.94
CA TYR B 406 32.46 8.14 8.87
C TYR B 406 32.70 9.58 8.40
N VAL B 407 31.59 10.31 8.23
CA VAL B 407 31.67 11.64 7.71
C VAL B 407 30.54 12.38 8.31
N ILE B 408 30.80 13.53 8.89
CA ILE B 408 29.73 14.36 9.37
C ILE B 408 29.13 15.24 8.26
N ASP B 409 27.87 14.98 7.97
CA ASP B 409 27.09 15.86 7.13
C ASP B 409 27.16 17.30 7.61
N PRO B 410 27.60 18.22 6.74
CA PRO B 410 27.69 19.64 7.09
C PRO B 410 26.40 20.27 7.56
N LYS B 411 25.31 20.00 6.86
CA LYS B 411 24.04 20.56 7.26
C LYS B 411 23.63 20.04 8.64
N ALA B 412 23.95 18.80 8.93
CA ALA B 412 23.49 18.20 10.17
C ALA B 412 24.32 18.72 11.33
N ALA B 413 25.59 18.94 11.08
CA ALA B 413 26.50 19.49 12.08
C ALA B 413 26.06 20.88 12.49
N ALA B 414 25.68 21.67 11.49
CA ALA B 414 25.49 23.08 11.77
C ALA B 414 24.18 23.33 12.52
N LYS B 415 23.25 22.46 12.08
CA LYS B 415 22.02 22.24 12.78
C LYS B 415 22.12 21.71 14.23
N GLU B 416 22.83 20.61 14.44
CA GLU B 416 22.77 19.85 15.68
C GLU B 416 24.00 19.95 16.57
N LEU B 417 25.09 20.46 16.03
CA LEU B 417 26.31 20.48 16.78
C LEU B 417 26.86 21.89 16.80
N GLY B 418 25.95 22.86 16.89
CA GLY B 418 26.19 24.12 17.60
C GLY B 418 25.71 24.07 19.05
N PRO B 419 25.76 25.24 19.73
CA PRO B 419 25.93 25.29 21.19
C PRO B 419 24.83 24.73 22.13
N ASP B 420 23.72 24.28 21.55
CA ASP B 420 22.65 23.62 22.27
C ASP B 420 23.03 22.18 22.62
N GLY B 421 23.58 21.46 21.66
CA GLY B 421 25.01 21.22 21.60
C GLY B 421 25.56 20.73 22.92
N ALA B 422 26.09 21.64 23.72
CA ALA B 422 27.09 21.31 24.71
C ALA B 422 26.47 20.59 25.85
N ALA B 423 25.31 21.08 26.25
CA ALA B 423 24.64 20.50 27.37
C ALA B 423 24.31 19.03 27.08
N VAL B 424 23.75 18.80 25.90
CA VAL B 424 23.31 17.49 25.48
C VAL B 424 24.48 16.54 25.43
N LEU B 425 25.50 16.91 24.68
CA LEU B 425 26.66 16.07 24.62
C LEU B 425 27.36 15.84 25.94
N ASP B 426 27.41 16.87 26.78
CA ASP B 426 28.05 16.72 28.07
C ASP B 426 27.28 15.73 28.90
N ALA B 427 26.00 15.93 28.91
CA ALA B 427 25.19 15.01 29.72
C ALA B 427 25.22 13.60 29.14
N ALA B 428 25.15 13.47 27.84
CA ALA B 428 25.17 12.14 27.24
C ALA B 428 26.49 11.42 27.53
N LEU B 429 27.64 12.16 27.46
CA LEU B 429 28.95 11.54 27.78
C LEU B 429 29.01 11.07 29.20
N ALA B 430 28.59 11.94 30.14
CA ALA B 430 28.49 11.52 31.58
C ALA B 430 27.72 10.18 31.61
N ALA B 431 26.59 10.14 30.94
CA ALA B 431 25.63 9.10 31.29
C ALA B 431 26.11 7.80 30.69
N LEU B 432 26.62 7.88 29.48
CA LEU B 432 27.25 6.74 28.85
C LEU B 432 28.41 6.14 29.63
N THR B 433 29.23 6.98 30.22
CA THR B 433 30.24 6.48 31.11
C THR B 433 29.64 5.57 32.16
N SER B 434 28.44 5.89 32.61
CA SER B 434 27.80 5.27 33.76
C SER B 434 27.14 3.95 33.42
N VAL B 435 26.90 3.74 32.14
CA VAL B 435 26.28 2.54 31.70
C VAL B 435 27.15 1.36 32.07
N THR B 436 26.57 0.35 32.69
CA THR B 436 27.40 -0.71 33.29
C THR B 436 27.68 -1.82 32.27
N ASP B 437 26.69 -2.15 31.42
CA ASP B 437 26.90 -3.12 30.35
C ASP B 437 26.49 -2.44 29.05
N TRP B 438 27.31 -2.56 27.99
CA TRP B 438 27.03 -1.80 26.76
C TRP B 438 25.94 -2.48 25.89
N THR B 439 24.67 -2.20 26.21
CA THR B 439 23.56 -2.87 25.54
C THR B 439 22.55 -1.79 25.28
N ALA B 440 21.79 -1.97 24.20
CA ALA B 440 20.87 -0.94 23.75
C ALA B 440 19.89 -0.55 24.88
N PRO B 441 19.40 -1.52 25.68
CA PRO B 441 18.42 -1.03 26.67
C PRO B 441 19.04 -0.24 27.78
N LEU B 442 20.28 -0.58 28.12
CA LEU B 442 20.98 0.21 29.18
C LEU B 442 21.51 1.56 28.69
N ILE B 443 21.95 1.62 27.42
CA ILE B 443 22.30 2.89 26.80
C ILE B 443 21.05 3.76 26.74
N GLU B 444 19.91 3.21 26.24
CA GLU B 444 18.74 4.02 26.12
C GLU B 444 18.30 4.54 27.53
N ALA B 445 18.28 3.66 28.53
CA ALA B 445 17.89 4.03 29.88
C ALA B 445 18.75 5.16 30.41
N ALA B 446 20.06 5.06 30.21
CA ALA B 446 20.99 6.08 30.64
C ALA B 446 20.70 7.42 29.96
N LEU B 447 20.36 7.36 28.68
CA LEU B 447 20.24 8.56 27.85
C LEU B 447 18.90 9.25 28.09
N LYS B 448 17.84 8.45 28.20
CA LYS B 448 16.55 8.95 28.70
C LYS B 448 16.73 9.76 29.97
N ASP B 449 17.47 9.20 30.92
CA ASP B 449 17.46 9.71 32.30
C ASP B 449 18.33 10.96 32.44
N ALA B 450 19.30 11.09 31.55
CA ALA B 450 20.10 12.29 31.48
C ALA B 450 19.51 13.37 30.63
N LEU B 451 18.91 13.02 29.49
CA LEU B 451 18.45 13.98 28.52
C LEU B 451 16.95 14.39 28.63
N ILE B 452 16.11 13.42 28.96
CA ILE B 452 14.67 13.64 29.00
C ILE B 452 14.20 13.97 30.41
N GLU B 453 14.62 13.16 31.37
CA GLU B 453 14.45 13.51 32.78
C GLU B 453 15.36 14.67 33.19
N GLY B 454 16.66 14.48 33.00
CA GLY B 454 17.64 15.45 33.45
C GLY B 454 17.44 16.81 32.82
N LEU B 455 17.54 16.87 31.50
CA LEU B 455 17.63 18.14 30.78
C LEU B 455 16.24 18.62 30.35
N ALA B 456 15.24 17.77 30.55
CA ALA B 456 13.85 18.18 30.40
C ALA B 456 13.47 18.33 28.93
N LEU B 457 14.24 17.69 28.05
CA LEU B 457 14.13 17.93 26.63
C LEU B 457 13.09 17.01 25.98
N LYS B 458 12.49 17.48 24.90
CA LYS B 458 11.78 16.60 23.97
C LYS B 458 12.72 15.61 23.32
N PRO B 459 12.30 14.36 23.26
CA PRO B 459 13.19 13.27 22.87
C PRO B 459 13.78 13.49 21.48
N ARG B 460 12.91 13.75 20.51
CA ARG B 460 13.34 14.30 19.23
C ARG B 460 14.58 15.17 19.39
N LYS B 461 14.44 16.25 20.17
CA LYS B 461 15.54 17.19 20.34
C LYS B 461 16.65 16.60 21.20
N ALA B 462 16.34 15.55 21.91
CA ALA B 462 17.23 15.05 22.96
C ALA B 462 18.26 14.10 22.39
N PHE B 463 18.04 13.62 21.19
CA PHE B 463 18.85 12.55 20.63
C PHE B 463 19.57 13.01 19.37
N SER B 464 19.04 14.05 18.73
CA SER B 464 19.45 14.42 17.39
C SER B 464 20.94 14.69 17.32
N PRO B 465 21.46 15.39 18.33
CA PRO B 465 22.90 15.62 18.45
C PRO B 465 23.67 14.32 18.65
N ILE B 466 23.13 13.44 19.50
CA ILE B 466 23.71 12.11 19.69
C ILE B 466 23.78 11.35 18.37
N ARG B 467 22.67 11.34 17.63
CA ARG B 467 22.61 10.65 16.35
C ARG B 467 23.67 11.17 15.39
N VAL B 468 23.76 12.49 15.26
CA VAL B 468 24.65 13.12 14.30
C VAL B 468 26.11 12.88 14.67
N ALA B 469 26.40 12.92 15.97
CA ALA B 469 27.73 12.59 16.48
C ALA B 469 28.10 11.15 16.15
N ALA B 470 27.21 10.22 16.47
CA ALA B 470 27.51 8.79 16.36
C ALA B 470 27.61 8.37 14.90
N THR B 471 26.73 8.93 14.06
CA THR B 471 26.46 8.37 12.75
C THR B 471 26.85 9.33 11.64
N GLY B 472 26.79 10.63 11.94
CA GLY B 472 27.18 11.65 10.99
C GLY B 472 25.99 12.27 10.28
N THR B 473 24.81 11.71 10.53
CA THR B 473 23.60 12.11 9.80
C THR B 473 22.39 12.12 10.72
N THR B 474 21.31 12.74 10.27
CA THR B 474 20.18 13.06 11.13
C THR B 474 19.05 12.04 10.97
N VAL B 475 19.18 11.19 9.96
CA VAL B 475 18.43 9.94 9.91
C VAL B 475 19.36 8.74 9.85
N SER B 476 19.05 7.72 10.65
CA SER B 476 19.87 6.51 10.70
C SER B 476 19.02 5.30 11.10
N PRO B 477 19.67 4.15 11.22
CA PRO B 477 19.12 3.03 11.98
C PRO B 477 18.72 3.44 13.40
N PRO B 478 17.78 2.71 13.99
CA PRO B 478 17.41 2.93 15.39
C PRO B 478 18.56 3.20 16.35
N LEU B 479 18.53 4.35 17.02
CA LEU B 479 19.73 4.93 17.62
C LEU B 479 20.44 4.02 18.62
N PHE B 480 19.68 3.51 19.59
CA PHE B 480 20.27 2.77 20.71
C PHE B 480 20.83 1.46 20.26
N GLU B 481 20.25 0.81 19.27
CA GLU B 481 20.89 -0.38 18.73
C GLU B 481 22.13 -0.03 17.98
N SER B 482 22.13 1.12 17.32
CA SER B 482 23.29 1.58 16.56
C SER B 482 24.46 1.88 17.50
N LEU B 483 24.16 2.40 18.67
CA LEU B 483 25.18 2.68 19.68
C LEU B 483 25.77 1.38 20.22
N GLU B 484 24.92 0.38 20.40
CA GLU B 484 25.38 -0.93 20.88
C GLU B 484 26.41 -1.52 19.94
N LEU B 485 26.15 -1.44 18.65
CA LEU B 485 26.95 -2.16 17.65
C LEU B 485 28.24 -1.41 17.32
N LEU B 486 28.19 -0.08 17.46
CA LEU B 486 29.40 0.73 17.41
C LEU B 486 30.37 0.34 18.52
N GLY B 487 29.81 -0.01 19.68
CA GLY B 487 30.63 -0.30 20.85
C GLY B 487 30.90 0.93 21.70
N ARG B 488 31.22 0.72 22.97
CA ARG B 488 31.46 1.81 23.89
C ARG B 488 32.56 2.73 23.39
N ASP B 489 33.73 2.15 23.13
CA ASP B 489 34.92 2.94 22.80
C ASP B 489 34.68 3.86 21.62
N ARG B 490 34.00 3.34 20.60
CA ARG B 490 33.78 4.07 19.36
C ARG B 490 32.73 5.16 19.55
N SER B 491 31.63 4.81 20.20
CA SER B 491 30.61 5.78 20.58
C SER B 491 31.19 6.95 21.42
N MET B 492 32.01 6.62 22.39
CA MET B 492 32.58 7.66 23.25
C MET B 492 33.41 8.60 22.42
N GLN B 493 34.18 7.98 21.55
CA GLN B 493 35.20 8.76 20.80
C GLN B 493 34.51 9.80 19.87
N ARG B 494 33.49 9.30 19.11
CA ARG B 494 32.77 10.16 18.17
C ARG B 494 32.00 11.19 18.96
N LEU B 495 31.37 10.77 20.06
CA LEU B 495 30.58 11.67 20.87
C LEU B 495 31.45 12.73 21.54
N ARG B 496 32.68 12.36 21.88
CA ARG B 496 33.62 13.28 22.50
C ARG B 496 34.19 14.26 21.47
N ALA B 497 34.48 13.77 20.28
CA ALA B 497 35.01 14.60 19.21
C ALA B 497 33.99 15.65 18.78
N ALA B 498 32.72 15.27 18.79
CA ALA B 498 31.63 16.20 18.47
C ALA B 498 31.50 17.27 19.54
N ARG B 499 31.69 16.88 20.79
N ARG B 499 31.68 16.88 20.80
CA ARG B 499 31.79 17.83 21.89
CA ARG B 499 31.79 17.83 21.89
C ARG B 499 32.76 18.96 21.55
C ARG B 499 32.76 18.96 21.55
N GLN B 500 33.95 18.59 21.08
CA GLN B 500 34.99 19.61 20.72
C GLN B 500 34.48 20.54 19.62
#